data_7UMU
#
_entry.id   7UMU
#
_cell.length_a   65.650
_cell.length_b   129.260
_cell.length_c   82.840
_cell.angle_alpha   90.000
_cell.angle_beta   91.950
_cell.angle_gamma   90.000
#
_symmetry.space_group_name_H-M   'P 1 21 1'
#
loop_
_entity.id
_entity.type
_entity.pdbx_description
1 polymer 'Dual specificity protein phosphatase 10'
2 non-polymer 1-[(benzo[h]quinazolin-2-yl)sulfanyl]-3,3-dimethylbutan-2-one
3 non-polymer 2,3-DIHYDROXY-1,4-DITHIOBUTANE
#
_entity_poly.entity_id   1
_entity_poly.type   'polypeptide(L)'
_entity_poly.pdbx_seq_one_letter_code
;GSHMAELTPILPFLFLGNEQDAQDLDTMQRLNIGYVINVTTHLPLYHYEKGLFNYKRLPATDSNKQNLRQYFEEAFEFIE
EAHQCGKGLLIHCQAGVSRSATIVIAYLMKHTRMTMTDAYKFVKGKRPIISPNLNFMGQLLEFEEDLNNGVT
;
_entity_poly.pdbx_strand_id   A,B,C,D,E,F
#
loop_
_chem_comp.id
_chem_comp.type
_chem_comp.name
_chem_comp.formula
DTT non-polymer 2,3-DIHYDROXY-1,4-DITHIOBUTANE 'C4 H10 O2 S2'
NUN non-polymer 1-[(benzo[h]quinazolin-2-yl)sulfanyl]-3,3-dimethylbutan-2-one 'C18 H18 N2 O S'
#
# COMPACT_ATOMS: atom_id res chain seq x y z
N MET A 4 16.06 20.52 -22.30
CA MET A 4 14.90 20.91 -21.50
C MET A 4 14.56 19.86 -20.44
N ALA A 5 14.04 18.71 -20.87
CA ALA A 5 13.53 17.69 -19.96
C ALA A 5 14.68 16.88 -19.38
N GLU A 6 14.70 16.72 -18.05
CA GLU A 6 15.72 15.95 -17.35
C GLU A 6 15.07 14.78 -16.62
N LEU A 7 15.04 13.62 -17.28
CA LEU A 7 14.58 12.40 -16.63
C LEU A 7 15.80 11.78 -15.97
N THR A 8 15.98 12.06 -14.69
CA THR A 8 17.19 11.67 -13.99
C THR A 8 17.22 10.17 -13.76
N PRO A 9 18.21 9.46 -14.29
CA PRO A 9 18.31 8.02 -13.97
C PRO A 9 18.97 7.76 -12.63
N ILE A 10 18.15 7.49 -11.60
CA ILE A 10 18.71 7.12 -10.30
C ILE A 10 19.39 5.76 -10.42
N LEU A 11 18.69 4.82 -11.04
CA LEU A 11 19.22 3.55 -11.48
C LEU A 11 18.96 3.47 -12.98
N PRO A 12 19.65 2.59 -13.71
CA PRO A 12 19.43 2.54 -15.16
C PRO A 12 17.97 2.32 -15.58
N PHE A 13 17.11 1.79 -14.71
CA PHE A 13 15.71 1.58 -15.06
C PHE A 13 14.75 2.42 -14.23
N LEU A 14 15.26 3.22 -13.28
CA LEU A 14 14.42 3.98 -12.37
C LEU A 14 14.74 5.46 -12.56
N PHE A 15 13.72 6.24 -12.91
CA PHE A 15 13.91 7.62 -13.32
C PHE A 15 13.07 8.54 -12.44
N LEU A 16 13.62 9.72 -12.16
CA LEU A 16 13.01 10.70 -11.29
C LEU A 16 12.85 12.00 -12.07
N GLY A 17 11.68 12.64 -11.95
CA GLY A 17 11.46 13.87 -12.67
C GLY A 17 10.32 14.64 -12.04
N ASN A 18 10.04 15.82 -12.61
CA ASN A 18 8.93 16.64 -12.18
C ASN A 18 7.84 16.65 -13.26
N GLU A 19 6.87 17.56 -13.09
CA GLU A 19 5.74 17.62 -14.01
C GLU A 19 6.20 17.87 -15.45
N GLN A 20 7.14 18.79 -15.65
CA GLN A 20 7.59 19.09 -17.01
C GLN A 20 8.40 17.95 -17.59
N ASP A 21 9.17 17.24 -16.77
CA ASP A 21 9.93 16.10 -17.28
C ASP A 21 9.00 15.00 -17.78
N ALA A 22 7.90 14.76 -17.06
CA ALA A 22 6.99 13.67 -17.39
C ALA A 22 6.27 13.86 -18.71
N GLN A 23 6.37 15.03 -19.33
CA GLN A 23 5.66 15.31 -20.57
C GLN A 23 6.51 15.12 -21.81
N ASP A 24 7.77 14.73 -21.66
CA ASP A 24 8.66 14.50 -22.80
C ASP A 24 8.51 13.05 -23.24
N LEU A 25 7.59 12.82 -24.19
CA LEU A 25 7.26 11.45 -24.60
C LEU A 25 8.41 10.79 -25.35
N ASP A 26 9.12 11.55 -26.20
CA ASP A 26 10.16 10.94 -27.01
C ASP A 26 11.32 10.43 -26.15
N THR A 27 11.75 11.22 -25.16
CA THR A 27 12.83 10.77 -24.31
C THR A 27 12.43 9.54 -23.51
N MET A 28 11.19 9.50 -23.01
CA MET A 28 10.73 8.35 -22.26
C MET A 28 10.76 7.08 -23.11
N GLN A 29 10.37 7.19 -24.38
CA GLN A 29 10.40 6.01 -25.24
C GLN A 29 11.82 5.61 -25.59
N ARG A 30 12.70 6.60 -25.78
CA ARG A 30 14.11 6.33 -26.05
C ARG A 30 14.79 5.68 -24.85
N LEU A 31 14.34 5.97 -23.64
CA LEU A 31 14.89 5.38 -22.43
C LEU A 31 14.24 4.04 -22.08
N ASN A 32 13.33 3.54 -22.92
CA ASN A 32 12.65 2.26 -22.72
C ASN A 32 11.85 2.24 -21.42
N ILE A 33 11.13 3.33 -21.16
CA ILE A 33 10.26 3.42 -19.99
C ILE A 33 8.89 2.85 -20.34
N GLY A 34 8.39 1.95 -19.51
CA GLY A 34 7.08 1.37 -19.74
C GLY A 34 6.13 1.55 -18.57
N TYR A 35 6.62 2.11 -17.47
CA TYR A 35 5.86 2.26 -16.25
C TYR A 35 5.99 3.69 -15.72
N VAL A 36 4.89 4.26 -15.24
CA VAL A 36 4.89 5.62 -14.72
C VAL A 36 4.13 5.64 -13.40
N ILE A 37 4.75 6.22 -12.37
CA ILE A 37 4.12 6.46 -11.08
C ILE A 37 3.96 7.96 -10.90
N ASN A 38 2.71 8.42 -10.84
CA ASN A 38 2.39 9.82 -10.63
C ASN A 38 2.06 9.99 -9.15
N VAL A 39 2.89 10.75 -8.43
CA VAL A 39 2.74 10.92 -6.99
C VAL A 39 2.07 12.25 -6.70
N THR A 40 0.94 12.51 -7.34
CA THR A 40 0.13 13.70 -7.06
C THR A 40 -1.34 13.34 -7.06
N THR A 41 -2.15 14.21 -6.47
CA THR A 41 -3.60 14.08 -6.57
C THR A 41 -4.16 14.74 -7.82
N HIS A 42 -3.52 15.81 -8.31
CA HIS A 42 -4.14 16.71 -9.27
C HIS A 42 -3.54 16.68 -10.66
N LEU A 43 -2.32 16.20 -10.84
CA LEU A 43 -1.75 16.16 -12.17
C LEU A 43 -2.42 15.07 -13.01
N PRO A 44 -2.54 15.29 -14.32
CA PRO A 44 -3.07 14.22 -15.18
C PRO A 44 -2.04 13.11 -15.33
N LEU A 45 -2.53 11.95 -15.77
CA LEU A 45 -1.66 10.87 -16.21
C LEU A 45 -1.26 11.19 -17.64
N TYR A 46 -0.07 11.79 -17.80
CA TYR A 46 0.35 12.25 -19.11
C TYR A 46 0.47 11.09 -20.10
N HIS A 47 -0.03 11.31 -21.32
CA HIS A 47 0.01 10.33 -22.41
C HIS A 47 -0.83 9.10 -22.14
N TYR A 48 -1.79 9.19 -21.21
CA TYR A 48 -2.58 8.02 -20.83
C TYR A 48 -3.38 7.46 -22.01
N GLU A 49 -4.00 8.35 -22.80
CA GLU A 49 -4.85 7.89 -23.88
C GLU A 49 -4.07 7.32 -25.06
N LYS A 50 -2.74 7.44 -25.06
CA LYS A 50 -1.93 6.82 -26.10
C LYS A 50 -1.66 5.34 -25.85
N GLY A 51 -1.96 4.83 -24.65
CA GLY A 51 -1.81 3.41 -24.39
C GLY A 51 -0.39 2.89 -24.43
N LEU A 52 0.58 3.71 -24.01
CA LEU A 52 1.99 3.34 -24.11
C LEU A 52 2.59 2.84 -22.80
N PHE A 53 2.07 3.27 -21.66
CA PHE A 53 2.66 2.97 -20.36
C PHE A 53 1.63 2.37 -19.42
N ASN A 54 2.14 1.67 -18.40
CA ASN A 54 1.34 1.25 -17.26
C ASN A 54 1.45 2.32 -16.17
N TYR A 55 0.31 2.76 -15.66
CA TYR A 55 0.27 3.88 -14.74
C TYR A 55 -0.15 3.44 -13.34
N LYS A 56 0.37 4.16 -12.37
CA LYS A 56 -0.10 4.05 -11.00
C LYS A 56 -0.05 5.45 -10.41
N ARG A 57 -1.14 5.89 -9.81
CA ARG A 57 -1.19 7.19 -9.14
C ARG A 57 -1.15 6.96 -7.64
N LEU A 58 -0.19 7.60 -6.98
CA LEU A 58 -0.19 7.68 -5.52
C LEU A 58 -0.72 9.05 -5.13
N PRO A 59 -2.01 9.19 -4.80
CA PRO A 59 -2.59 10.54 -4.62
C PRO A 59 -2.14 11.22 -3.35
N ALA A 60 -1.02 11.93 -3.43
CA ALA A 60 -0.43 12.55 -2.25
C ALA A 60 -0.17 14.02 -2.51
N THR A 61 -0.20 14.81 -1.44
CA THR A 61 0.14 16.21 -1.48
C THR A 61 1.49 16.43 -0.81
N ASP A 62 2.08 17.60 -1.09
CA ASP A 62 3.38 17.96 -0.53
C ASP A 62 3.18 18.80 0.74
N SER A 63 2.68 18.14 1.78
CA SER A 63 2.34 18.83 3.02
C SER A 63 3.10 18.23 4.19
N ASN A 64 2.98 18.87 5.35
CA ASN A 64 3.61 18.38 6.56
C ASN A 64 2.80 17.30 7.26
N LYS A 65 1.64 16.93 6.73
CA LYS A 65 0.82 15.87 7.31
C LYS A 65 0.61 14.69 6.38
N GLN A 66 1.03 14.78 5.12
CA GLN A 66 0.80 13.71 4.17
C GLN A 66 1.51 12.43 4.58
N ASN A 67 0.79 11.31 4.51
CA ASN A 67 1.36 9.99 4.77
C ASN A 67 1.82 9.41 3.44
N LEU A 68 3.14 9.25 3.26
CA LEU A 68 3.69 8.56 2.10
C LEU A 68 4.12 7.13 2.39
N ARG A 69 4.44 6.83 3.65
CA ARG A 69 4.82 5.47 4.03
C ARG A 69 3.75 4.45 3.62
N GLN A 70 2.48 4.83 3.65
CA GLN A 70 1.42 3.90 3.29
C GLN A 70 1.55 3.41 1.85
N TYR A 71 2.18 4.20 0.98
CA TYR A 71 2.32 3.87 -0.43
C TYR A 71 3.63 3.18 -0.77
N PHE A 72 4.55 3.02 0.19
CA PHE A 72 5.87 2.51 -0.13
C PHE A 72 5.78 1.12 -0.75
N GLU A 73 5.13 0.19 -0.06
CA GLU A 73 5.11 -1.20 -0.52
C GLU A 73 4.41 -1.33 -1.87
N GLU A 74 3.37 -0.53 -2.10
CA GLU A 74 2.71 -0.55 -3.40
C GLU A 74 3.64 -0.07 -4.51
N ALA A 75 4.43 0.98 -4.22
CA ALA A 75 5.36 1.48 -5.22
C ALA A 75 6.50 0.50 -5.47
N PHE A 76 6.93 -0.21 -4.42
CA PHE A 76 8.03 -1.16 -4.60
C PHE A 76 7.63 -2.29 -5.54
N GLU A 77 6.39 -2.77 -5.42
CA GLU A 77 5.95 -3.85 -6.31
C GLU A 77 5.90 -3.39 -7.76
N PHE A 78 5.44 -2.16 -7.99
CA PHE A 78 5.38 -1.62 -9.35
C PHE A 78 6.78 -1.50 -9.94
N ILE A 79 7.75 -1.04 -9.14
CA ILE A 79 9.12 -0.94 -9.63
C ILE A 79 9.68 -2.32 -9.94
N GLU A 80 9.44 -3.30 -9.07
CA GLU A 80 9.93 -4.64 -9.32
C GLU A 80 9.29 -5.25 -10.56
N GLU A 81 8.03 -4.92 -10.83
CA GLU A 81 7.39 -5.41 -12.04
C GLU A 81 8.07 -4.86 -13.29
N ALA A 82 8.41 -3.57 -13.27
CA ALA A 82 9.19 -3.00 -14.37
C ALA A 82 10.57 -3.63 -14.45
N HIS A 83 11.20 -3.85 -13.29
CA HIS A 83 12.53 -4.45 -13.22
C HIS A 83 12.52 -5.85 -13.79
N GLN A 84 11.44 -6.60 -13.56
CA GLN A 84 11.40 -8.02 -13.93
C GLN A 84 11.32 -8.20 -15.45
N CYS A 85 10.70 -7.27 -16.16
CA CYS A 85 10.54 -7.38 -17.60
C CYS A 85 11.46 -6.45 -18.39
N GLY A 86 12.48 -5.89 -17.74
CA GLY A 86 13.47 -5.14 -18.49
C GLY A 86 13.03 -3.79 -18.97
N LYS A 87 12.04 -3.18 -18.31
CA LYS A 87 11.53 -1.86 -18.67
C LYS A 87 11.86 -0.84 -17.59
N GLY A 88 11.95 0.41 -18.01
CA GLY A 88 12.18 1.50 -17.09
C GLY A 88 10.89 2.02 -16.49
N LEU A 89 11.00 2.57 -15.28
CA LEU A 89 9.89 3.18 -14.57
C LEU A 89 10.25 4.62 -14.27
N LEU A 90 9.32 5.53 -14.56
CA LEU A 90 9.47 6.94 -14.21
C LEU A 90 8.55 7.26 -13.04
N ILE A 91 9.10 7.82 -11.99
CA ILE A 91 8.30 8.33 -10.88
C ILE A 91 8.53 9.82 -10.80
N HIS A 92 7.43 10.58 -10.77
CA HIS A 92 7.48 12.02 -10.83
C HIS A 92 6.40 12.61 -9.95
N CYS A 93 6.61 13.86 -9.55
CA CYS A 93 5.54 14.67 -8.97
C CYS A 93 5.61 16.08 -9.54
N GLN A 94 6.07 17.05 -8.75
CA GLN A 94 6.11 18.44 -9.19
C GLN A 94 7.50 19.03 -8.98
N ALA A 95 7.58 20.36 -8.99
CA ALA A 95 8.84 21.07 -9.18
C ALA A 95 9.94 20.61 -8.23
N GLY A 96 9.66 20.61 -6.93
CA GLY A 96 10.72 20.24 -6.01
C GLY A 96 11.00 18.75 -5.88
N VAL A 97 10.29 17.90 -6.62
CA VAL A 97 10.32 16.43 -6.54
C VAL A 97 10.38 15.90 -5.12
N SER A 98 9.76 16.58 -4.16
CA SER A 98 9.78 16.11 -2.77
C SER A 98 9.10 14.75 -2.63
N ARG A 99 7.90 14.60 -3.19
CA ARG A 99 7.15 13.36 -3.03
C ARG A 99 7.86 12.20 -3.73
N SER A 100 8.19 12.38 -5.01
CA SER A 100 8.77 11.29 -5.78
C SER A 100 10.16 10.91 -5.30
N ALA A 101 10.95 11.90 -4.86
CA ALA A 101 12.27 11.58 -4.31
C ALA A 101 12.18 10.77 -3.02
N THR A 102 11.13 11.00 -2.22
CA THR A 102 10.96 10.19 -1.02
C THR A 102 10.75 8.72 -1.36
N ILE A 103 9.92 8.43 -2.36
CA ILE A 103 9.68 7.04 -2.75
C ILE A 103 10.95 6.41 -3.30
N VAL A 104 11.71 7.18 -4.09
CA VAL A 104 12.95 6.66 -4.68
C VAL A 104 13.94 6.31 -3.58
N ILE A 105 14.17 7.24 -2.65
CA ILE A 105 15.11 6.97 -1.56
C ILE A 105 14.69 5.74 -0.78
N ALA A 106 13.39 5.63 -0.49
CA ALA A 106 12.89 4.48 0.25
C ALA A 106 13.19 3.18 -0.48
N TYR A 107 13.07 3.19 -1.82
CA TYR A 107 13.39 1.98 -2.57
C TYR A 107 14.88 1.66 -2.46
N LEU A 108 15.74 2.68 -2.54
CA LEU A 108 17.17 2.44 -2.39
C LEU A 108 17.48 1.88 -1.01
N MET A 109 16.73 2.29 0.01
CA MET A 109 16.91 1.72 1.34
C MET A 109 16.43 0.28 1.40
N LYS A 110 15.29 0.00 0.78
CA LYS A 110 14.69 -1.33 0.88
C LYS A 110 15.34 -2.33 -0.06
N HIS A 111 15.56 -1.96 -1.32
CA HIS A 111 16.01 -2.93 -2.31
C HIS A 111 17.51 -2.93 -2.55
N THR A 112 18.19 -1.81 -2.32
CA THR A 112 19.64 -1.77 -2.48
C THR A 112 20.36 -1.70 -1.15
N ARG A 113 19.63 -1.69 -0.03
CA ARG A 113 20.22 -1.74 1.30
C ARG A 113 21.09 -0.52 1.59
N MET A 114 20.80 0.61 0.95
CA MET A 114 21.50 1.82 1.32
C MET A 114 20.90 2.38 2.61
N THR A 115 21.76 3.02 3.40
CA THR A 115 21.22 3.75 4.53
C THR A 115 20.44 4.96 4.02
N MET A 116 19.59 5.49 4.89
CA MET A 116 18.82 6.68 4.51
C MET A 116 19.73 7.82 4.09
N THR A 117 20.80 8.06 4.85
CA THR A 117 21.72 9.15 4.52
C THR A 117 22.41 8.91 3.18
N ASP A 118 22.97 7.70 2.98
CA ASP A 118 23.65 7.42 1.71
C ASP A 118 22.67 7.42 0.54
N ALA A 119 21.43 7.00 0.77
CA ALA A 119 20.44 7.06 -0.30
C ALA A 119 20.13 8.50 -0.69
N TYR A 120 20.03 9.39 0.30
CA TYR A 120 19.76 10.79 0.01
C TYR A 120 20.93 11.42 -0.76
N LYS A 121 22.16 11.18 -0.31
CA LYS A 121 23.30 11.73 -1.04
C LYS A 121 23.40 11.15 -2.44
N PHE A 122 23.02 9.89 -2.63
CA PHE A 122 23.03 9.30 -3.95
C PHE A 122 22.05 10.01 -4.87
N VAL A 123 20.81 10.21 -4.39
CA VAL A 123 19.79 10.88 -5.21
C VAL A 123 20.11 12.35 -5.38
N LYS A 124 20.52 13.03 -4.30
CA LYS A 124 20.84 14.45 -4.38
C LYS A 124 21.98 14.71 -5.36
N GLY A 125 22.94 13.78 -5.47
CA GLY A 125 24.03 13.97 -6.41
C GLY A 125 23.58 13.91 -7.86
N LYS A 126 22.59 13.07 -8.16
CA LYS A 126 22.07 12.94 -9.53
C LYS A 126 20.95 13.92 -9.83
N ARG A 127 20.15 14.26 -8.83
CA ARG A 127 19.06 15.24 -8.95
C ARG A 127 19.36 16.38 -7.97
N PRO A 128 20.02 17.44 -8.43
CA PRO A 128 20.53 18.45 -7.49
C PRO A 128 19.44 19.27 -6.81
N ILE A 129 18.29 19.47 -7.44
CA ILE A 129 17.23 20.31 -6.91
C ILE A 129 16.20 19.39 -6.26
N ILE A 130 16.19 19.36 -4.92
CA ILE A 130 15.20 18.60 -4.17
C ILE A 130 14.69 19.47 -3.04
N SER A 131 13.37 19.75 -3.02
CA SER A 131 12.80 20.61 -1.99
C SER A 131 12.68 19.84 -0.67
N PRO A 132 12.97 20.48 0.46
CA PRO A 132 12.92 19.77 1.74
C PRO A 132 11.50 19.57 2.22
N ASN A 133 11.29 18.46 2.92
CA ASN A 133 10.03 18.19 3.58
C ASN A 133 10.33 17.44 4.87
N LEU A 134 10.25 18.14 6.01
CA LEU A 134 10.59 17.52 7.29
C LEU A 134 9.68 16.34 7.60
N ASN A 135 8.42 16.41 7.19
CA ASN A 135 7.51 15.30 7.40
C ASN A 135 7.98 14.05 6.66
N PHE A 136 8.41 14.20 5.41
CA PHE A 136 8.89 13.05 4.66
C PHE A 136 10.22 12.53 5.21
N MET A 137 11.10 13.45 5.64
CA MET A 137 12.35 13.02 6.27
C MET A 137 12.06 12.15 7.50
N GLY A 138 11.09 12.57 8.32
CA GLY A 138 10.75 11.78 9.49
C GLY A 138 10.25 10.40 9.14
N GLN A 139 9.46 10.30 8.06
CA GLN A 139 8.94 9.00 7.66
C GLN A 139 10.06 8.10 7.14
N LEU A 140 11.00 8.67 6.38
CA LEU A 140 12.15 7.89 5.93
C LEU A 140 13.00 7.43 7.10
N LEU A 141 13.08 8.24 8.15
CA LEU A 141 13.85 7.84 9.33
C LEU A 141 13.17 6.68 10.05
N GLU A 142 11.85 6.76 10.21
CA GLU A 142 11.11 5.66 10.82
C GLU A 142 11.18 4.41 9.95
N PHE A 143 11.18 4.58 8.63
CA PHE A 143 11.30 3.45 7.72
C PHE A 143 12.67 2.78 7.83
N GLU A 144 13.72 3.58 8.02
CA GLU A 144 15.06 3.00 8.17
C GLU A 144 15.15 2.13 9.42
N GLU A 145 14.56 2.59 10.52
CA GLU A 145 14.59 1.80 11.75
C GLU A 145 13.79 0.50 11.59
N ASP A 146 12.65 0.56 10.92
CA ASP A 146 11.86 -0.64 10.71
C ASP A 146 12.57 -1.64 9.83
N LEU A 147 13.36 -1.17 8.86
CA LEU A 147 14.18 -2.08 8.07
C LEU A 147 15.25 -2.73 8.93
N ASN A 148 15.92 -1.94 9.78
CA ASN A 148 16.99 -2.48 10.61
C ASN A 148 16.48 -3.48 11.63
N ASN A 149 15.23 -3.31 12.09
CA ASN A 149 14.61 -4.23 13.03
C ASN A 149 13.88 -5.37 12.33
N GLY A 150 14.08 -5.54 11.03
CA GLY A 150 13.32 -6.53 10.25
C GLY A 150 11.83 -6.51 10.50
N VAL A 151 11.25 -5.32 10.61
CA VAL A 151 9.80 -5.18 10.76
C VAL A 151 9.11 -4.84 9.45
N THR A 152 9.85 -4.42 8.44
CA THR A 152 9.28 -4.18 7.12
C THR A 152 10.33 -4.47 6.05
N ALA B 5 -20.54 25.74 -22.35
CA ALA B 5 -20.30 24.76 -21.29
C ALA B 5 -21.59 24.44 -20.54
N GLU B 6 -21.93 23.15 -20.48
CA GLU B 6 -23.21 22.67 -19.96
C GLU B 6 -23.01 21.95 -18.63
N LEU B 7 -23.06 22.71 -17.53
CA LEU B 7 -23.05 22.09 -16.21
C LEU B 7 -24.50 21.84 -15.84
N THR B 8 -24.95 20.61 -16.02
CA THR B 8 -26.35 20.27 -15.86
C THR B 8 -26.75 20.28 -14.39
N PRO B 9 -27.70 21.11 -13.98
CA PRO B 9 -28.15 21.07 -12.58
C PRO B 9 -29.16 19.95 -12.35
N ILE B 10 -28.69 18.83 -11.79
CA ILE B 10 -29.60 17.75 -11.45
C ILE B 10 -30.47 18.13 -10.27
N LEU B 11 -29.85 18.63 -9.20
CA LEU B 11 -30.50 19.19 -8.04
C LEU B 11 -29.91 20.58 -7.82
N PRO B 12 -30.57 21.44 -7.02
CA PRO B 12 -30.05 22.80 -6.82
C PRO B 12 -28.60 22.89 -6.35
N PHE B 13 -28.08 21.82 -5.75
CA PHE B 13 -26.71 21.78 -5.28
C PHE B 13 -25.83 20.74 -5.97
N LEU B 14 -26.38 19.96 -6.91
CA LEU B 14 -25.67 18.86 -7.56
C LEU B 14 -25.64 19.10 -9.06
N PHE B 15 -24.44 19.11 -9.63
CA PHE B 15 -24.25 19.40 -11.04
C PHE B 15 -23.49 18.28 -11.73
N LEU B 16 -23.85 18.02 -12.98
CA LEU B 16 -23.29 16.94 -13.78
C LEU B 16 -22.68 17.53 -15.04
N GLY B 17 -21.50 17.05 -15.41
CA GLY B 17 -20.86 17.55 -16.60
C GLY B 17 -19.81 16.59 -17.10
N ASN B 18 -19.19 16.95 -18.23
CA ASN B 18 -18.13 16.17 -18.81
C ASN B 18 -16.80 16.91 -18.66
N GLU B 19 -15.79 16.42 -19.38
CA GLU B 19 -14.45 16.99 -19.29
C GLU B 19 -14.42 18.45 -19.70
N GLN B 20 -15.11 18.82 -20.77
CA GLN B 20 -15.11 20.22 -21.21
C GLN B 20 -15.89 21.10 -20.24
N ASP B 21 -16.96 20.57 -19.65
CA ASP B 21 -17.73 21.36 -18.70
C ASP B 21 -16.91 21.70 -17.46
N ALA B 22 -16.09 20.76 -17.01
CA ALA B 22 -15.31 20.95 -15.78
C ALA B 22 -14.24 22.03 -15.90
N GLN B 23 -13.97 22.54 -17.10
CA GLN B 23 -12.92 23.53 -17.30
C GLN B 23 -13.44 24.95 -17.38
N ASP B 24 -14.74 25.17 -17.24
CA ASP B 24 -15.34 26.51 -17.28
C ASP B 24 -15.32 27.09 -15.87
N LEU B 25 -14.26 27.83 -15.56
CA LEU B 25 -14.09 28.35 -14.20
C LEU B 25 -15.14 29.40 -13.87
N ASP B 26 -15.51 30.25 -14.85
CA ASP B 26 -16.46 31.31 -14.59
C ASP B 26 -17.85 30.77 -14.28
N THR B 27 -18.30 29.78 -15.04
CA THR B 27 -19.64 29.21 -14.81
C THR B 27 -19.71 28.53 -13.45
N MET B 28 -18.66 27.80 -13.07
CA MET B 28 -18.64 27.11 -11.78
C MET B 28 -18.77 28.08 -10.62
N GLN B 29 -18.09 29.23 -10.70
CA GLN B 29 -18.20 30.22 -9.64
C GLN B 29 -19.56 30.91 -9.65
N ARG B 30 -20.13 31.10 -10.84
CA ARG B 30 -21.46 31.69 -10.94
C ARG B 30 -22.52 30.81 -10.30
N LEU B 31 -22.33 29.49 -10.34
CA LEU B 31 -23.26 28.54 -9.75
C LEU B 31 -22.94 28.23 -8.29
N ASN B 32 -21.96 28.92 -7.70
CA ASN B 32 -21.56 28.73 -6.31
C ASN B 32 -21.12 27.29 -6.04
N ILE B 33 -20.33 26.75 -6.96
CA ILE B 33 -19.78 25.41 -6.81
C ILE B 33 -18.50 25.49 -6.00
N GLY B 34 -18.41 24.67 -4.95
CA GLY B 34 -17.23 24.65 -4.12
C GLY B 34 -16.61 23.27 -3.98
N TYR B 35 -17.27 22.26 -4.54
CA TYR B 35 -16.84 20.88 -4.44
C TYR B 35 -16.84 20.24 -5.83
N VAL B 36 -15.83 19.43 -6.10
CA VAL B 36 -15.67 18.76 -7.39
C VAL B 36 -15.36 17.30 -7.15
N ILE B 37 -16.09 16.42 -7.84
CA ILE B 37 -15.79 14.99 -7.86
C ILE B 37 -15.33 14.64 -9.27
N ASN B 38 -14.06 14.23 -9.40
CA ASN B 38 -13.50 13.83 -10.68
C ASN B 38 -13.51 12.30 -10.72
N VAL B 39 -14.31 11.75 -11.64
CA VAL B 39 -14.50 10.31 -11.72
C VAL B 39 -13.67 9.74 -12.86
N THR B 40 -12.38 10.06 -12.89
CA THR B 40 -11.46 9.49 -13.86
C THR B 40 -10.14 9.19 -13.15
N THR B 41 -9.34 8.32 -13.77
CA THR B 41 -7.99 8.10 -13.28
C THR B 41 -6.99 9.09 -13.83
N HIS B 42 -7.22 9.58 -15.06
CA HIS B 42 -6.17 10.25 -15.83
C HIS B 42 -6.37 11.73 -16.04
N LEU B 43 -7.59 12.24 -15.90
CA LEU B 43 -7.81 13.66 -16.08
C LEU B 43 -7.22 14.43 -14.90
N PRO B 44 -6.75 15.65 -15.13
CA PRO B 44 -6.29 16.47 -14.00
C PRO B 44 -7.47 16.94 -13.17
N LEU B 45 -7.16 17.38 -11.95
CA LEU B 45 -8.13 18.13 -11.14
C LEU B 45 -8.09 19.57 -11.62
N TYR B 46 -9.04 19.94 -12.48
CA TYR B 46 -9.02 21.25 -13.12
C TYR B 46 -9.13 22.36 -12.07
N HIS B 47 -8.32 23.41 -12.27
CA HIS B 47 -8.28 24.60 -11.40
C HIS B 47 -7.77 24.30 -10.00
N TYR B 48 -7.07 23.17 -9.83
CA TYR B 48 -6.60 22.78 -8.50
C TYR B 48 -5.66 23.83 -7.91
N GLU B 49 -4.77 24.37 -8.74
CA GLU B 49 -3.76 25.28 -8.25
C GLU B 49 -4.31 26.65 -7.89
N LYS B 50 -5.57 26.94 -8.20
CA LYS B 50 -6.19 28.19 -7.76
C LYS B 50 -6.74 28.13 -6.35
N GLY B 51 -6.82 26.95 -5.74
CA GLY B 51 -7.25 26.86 -4.35
C GLY B 51 -8.67 27.29 -4.11
N LEU B 52 -9.57 27.06 -5.07
CA LEU B 52 -10.95 27.52 -4.95
C LEU B 52 -11.93 26.43 -4.52
N PHE B 53 -11.64 25.16 -4.84
CA PHE B 53 -12.60 24.09 -4.63
C PHE B 53 -11.97 22.97 -3.81
N ASN B 54 -12.82 22.20 -3.15
CA ASN B 54 -12.44 20.93 -2.53
C ASN B 54 -12.69 19.80 -3.52
N TYR B 55 -11.69 18.93 -3.69
CA TYR B 55 -11.72 17.91 -4.72
C TYR B 55 -11.81 16.51 -4.13
N LYS B 56 -12.43 15.61 -4.88
CA LYS B 56 -12.38 14.19 -4.59
C LYS B 56 -12.29 13.44 -5.92
N ARG B 57 -11.31 12.55 -6.03
CA ARG B 57 -11.15 11.72 -7.22
C ARG B 57 -11.59 10.30 -6.92
N LEU B 58 -12.51 9.79 -7.73
CA LEU B 58 -12.84 8.37 -7.75
C LEU B 58 -12.14 7.77 -8.95
N PRO B 59 -10.97 7.14 -8.78
CA PRO B 59 -10.16 6.73 -9.95
C PRO B 59 -10.75 5.53 -10.67
N ALA B 60 -11.63 5.78 -11.63
CA ALA B 60 -12.36 4.73 -12.31
C ALA B 60 -12.21 4.87 -13.81
N THR B 61 -12.31 3.75 -14.52
CA THR B 61 -12.29 3.76 -15.97
C THR B 61 -13.68 3.45 -16.51
N ASP B 62 -13.88 3.81 -17.77
CA ASP B 62 -15.17 3.60 -18.45
C ASP B 62 -15.13 2.27 -19.21
N SER B 63 -15.09 1.19 -18.44
CA SER B 63 -14.94 -0.16 -18.98
C SER B 63 -16.09 -1.06 -18.53
N ASN B 64 -16.13 -2.26 -19.11
CA ASN B 64 -17.12 -3.24 -18.71
C ASN B 64 -16.71 -4.02 -17.47
N LYS B 65 -15.57 -3.70 -16.86
CA LYS B 65 -15.08 -4.37 -15.67
C LYS B 65 -14.95 -3.44 -14.47
N GLN B 66 -15.11 -2.14 -14.65
CA GLN B 66 -14.91 -1.19 -13.56
C GLN B 66 -15.95 -1.35 -12.47
N ASN B 67 -15.50 -1.34 -11.22
CA ASN B 67 -16.39 -1.34 -10.06
C ASN B 67 -16.63 0.10 -9.65
N LEU B 68 -17.85 0.59 -9.83
CA LEU B 68 -18.24 1.90 -9.34
C LEU B 68 -19.01 1.85 -8.03
N ARG B 69 -19.70 0.75 -7.76
CA ARG B 69 -20.44 0.59 -6.51
C ARG B 69 -19.57 0.85 -5.30
N GLN B 70 -18.28 0.48 -5.37
CA GLN B 70 -17.38 0.67 -4.23
C GLN B 70 -17.25 2.15 -3.83
N TYR B 71 -17.46 3.07 -4.76
CA TYR B 71 -17.31 4.49 -4.52
C TYR B 71 -18.61 5.19 -4.15
N PHE B 72 -19.75 4.48 -4.15
CA PHE B 72 -21.04 5.13 -3.97
C PHE B 72 -21.11 5.88 -2.64
N GLU B 73 -20.86 5.17 -1.55
CA GLU B 73 -20.99 5.76 -0.22
C GLU B 73 -20.01 6.91 -0.02
N GLU B 74 -18.80 6.77 -0.56
CA GLU B 74 -17.83 7.87 -0.47
C GLU B 74 -18.33 9.09 -1.23
N ALA B 75 -18.94 8.87 -2.40
CA ALA B 75 -19.45 10.00 -3.17
C ALA B 75 -20.66 10.63 -2.49
N PHE B 76 -21.50 9.83 -1.83
CA PHE B 76 -22.68 10.38 -1.17
C PHE B 76 -22.28 11.31 -0.02
N GLU B 77 -21.25 10.92 0.74
CA GLU B 77 -20.78 11.72 1.87
C GLU B 77 -20.24 13.07 1.40
N PHE B 78 -19.53 13.09 0.29
CA PHE B 78 -19.02 14.35 -0.24
C PHE B 78 -20.17 15.25 -0.70
N ILE B 79 -21.18 14.67 -1.35
CA ILE B 79 -22.33 15.46 -1.80
C ILE B 79 -23.05 16.08 -0.60
N GLU B 80 -23.27 15.29 0.45
CA GLU B 80 -23.93 15.81 1.64
C GLU B 80 -23.10 16.90 2.30
N GLU B 81 -21.77 16.78 2.23
CA GLU B 81 -20.90 17.80 2.79
C GLU B 81 -21.05 19.13 2.06
N ALA B 82 -21.14 19.09 0.72
CA ALA B 82 -21.43 20.30 -0.04
C ALA B 82 -22.81 20.85 0.30
N HIS B 83 -23.79 19.96 0.43
CA HIS B 83 -25.15 20.40 0.76
C HIS B 83 -25.19 21.06 2.14
N GLN B 84 -24.41 20.53 3.09
CA GLN B 84 -24.51 21.01 4.46
C GLN B 84 -23.93 22.40 4.62
N CYS B 85 -22.96 22.79 3.80
CA CYS B 85 -22.36 24.10 3.89
C CYS B 85 -22.84 25.05 2.78
N GLY B 86 -23.90 24.69 2.09
CA GLY B 86 -24.54 25.61 1.16
C GLY B 86 -23.79 25.85 -0.14
N LYS B 87 -22.90 24.94 -0.53
CA LYS B 87 -22.17 25.09 -1.77
C LYS B 87 -22.58 24.00 -2.75
N GLY B 88 -22.40 24.29 -4.04
CA GLY B 88 -22.69 23.31 -5.06
C GLY B 88 -21.54 22.35 -5.28
N LEU B 89 -21.88 21.14 -5.74
CA LEU B 89 -20.89 20.13 -6.07
C LEU B 89 -21.04 19.75 -7.54
N LEU B 90 -19.92 19.69 -8.24
CA LEU B 90 -19.88 19.23 -9.63
C LEU B 90 -19.25 17.85 -9.67
N ILE B 91 -19.92 16.90 -10.29
CA ILE B 91 -19.37 15.57 -10.53
C ILE B 91 -19.29 15.37 -12.04
N HIS B 92 -18.11 14.97 -12.51
CA HIS B 92 -17.86 14.90 -13.95
C HIS B 92 -16.93 13.73 -14.23
N CYS B 93 -16.98 13.27 -15.49
CA CYS B 93 -15.96 12.38 -16.03
C CYS B 93 -15.62 12.86 -17.44
N GLN B 94 -16.07 12.13 -18.46
CA GLN B 94 -15.72 12.47 -19.84
C GLN B 94 -16.98 12.55 -20.71
N ALA B 95 -16.78 12.47 -22.03
CA ALA B 95 -17.79 12.90 -23.00
C ALA B 95 -19.16 12.26 -22.77
N GLY B 96 -19.21 10.95 -22.63
CA GLY B 96 -20.50 10.32 -22.45
C GLY B 96 -21.11 10.40 -21.07
N VAL B 97 -20.42 11.05 -20.13
CA VAL B 97 -20.75 11.15 -18.70
C VAL B 97 -21.30 9.85 -18.12
N SER B 98 -20.83 8.71 -18.66
CA SER B 98 -21.30 7.42 -18.16
C SER B 98 -20.98 7.22 -16.68
N ARG B 99 -19.73 7.49 -16.30
CA ARG B 99 -19.32 7.25 -14.92
C ARG B 99 -20.02 8.19 -13.96
N SER B 100 -20.01 9.49 -14.26
CA SER B 100 -20.58 10.45 -13.32
C SER B 100 -22.10 10.33 -13.25
N ALA B 101 -22.76 10.04 -14.39
CA ALA B 101 -24.21 9.87 -14.35
C ALA B 101 -24.60 8.67 -13.51
N THR B 102 -23.76 7.63 -13.50
CA THR B 102 -24.05 6.47 -12.65
C THR B 102 -24.10 6.87 -11.18
N ILE B 103 -23.14 7.67 -10.73
CA ILE B 103 -23.11 8.10 -9.34
C ILE B 103 -24.31 8.99 -9.03
N VAL B 104 -24.64 9.89 -9.95
CA VAL B 104 -25.78 10.79 -9.74
C VAL B 104 -27.06 9.96 -9.59
N ILE B 105 -27.27 9.02 -10.50
CA ILE B 105 -28.45 8.17 -10.43
C ILE B 105 -28.48 7.41 -9.11
N ALA B 106 -27.33 6.86 -8.72
CA ALA B 106 -27.26 6.14 -7.45
C ALA B 106 -27.59 7.06 -6.27
N TYR B 107 -27.16 8.31 -6.34
CA TYR B 107 -27.49 9.25 -5.26
C TYR B 107 -28.99 9.54 -5.23
N LEU B 108 -29.60 9.74 -6.40
CA LEU B 108 -31.04 9.99 -6.44
C LEU B 108 -31.83 8.79 -5.92
N MET B 109 -31.35 7.58 -6.16
CA MET B 109 -32.05 6.39 -5.68
C MET B 109 -32.02 6.31 -4.16
N LYS B 110 -30.85 6.57 -3.55
CA LYS B 110 -30.74 6.38 -2.11
C LYS B 110 -31.31 7.57 -1.34
N HIS B 111 -31.03 8.79 -1.76
CA HIS B 111 -31.38 9.96 -0.96
C HIS B 111 -32.68 10.63 -1.34
N THR B 112 -33.19 10.43 -2.57
CA THR B 112 -34.50 10.92 -2.94
C THR B 112 -35.53 9.81 -3.09
N ARG B 113 -35.15 8.56 -2.87
CA ARG B 113 -36.04 7.41 -2.89
C ARG B 113 -36.71 7.20 -4.25
N MET B 114 -36.03 7.60 -5.33
CA MET B 114 -36.50 7.27 -6.66
C MET B 114 -36.11 5.84 -7.02
N THR B 115 -36.93 5.20 -7.85
CA THR B 115 -36.53 3.93 -8.41
C THR B 115 -35.40 4.14 -9.41
N MET B 116 -34.67 3.06 -9.70
CA MET B 116 -33.57 3.14 -10.66
C MET B 116 -34.05 3.69 -11.99
N THR B 117 -35.20 3.19 -12.47
CA THR B 117 -35.74 3.65 -13.74
C THR B 117 -36.10 5.14 -13.68
N ASP B 118 -36.80 5.56 -12.62
CA ASP B 118 -37.18 6.96 -12.51
C ASP B 118 -35.99 7.87 -12.34
N ALA B 119 -34.94 7.40 -11.66
CA ALA B 119 -33.73 8.20 -11.50
C ALA B 119 -33.03 8.40 -12.83
N TYR B 120 -32.99 7.37 -13.67
CA TYR B 120 -32.37 7.51 -15.00
C TYR B 120 -33.14 8.50 -15.85
N LYS B 121 -34.47 8.39 -15.87
CA LYS B 121 -35.29 9.30 -16.64
C LYS B 121 -35.14 10.74 -16.18
N PHE B 122 -34.97 10.94 -14.86
CA PHE B 122 -34.75 12.29 -14.33
C PHE B 122 -33.46 12.88 -14.88
N VAL B 123 -32.37 12.11 -14.83
CA VAL B 123 -31.09 12.59 -15.32
C VAL B 123 -31.08 12.68 -16.84
N LYS B 124 -31.62 11.65 -17.53
CA LYS B 124 -31.65 11.66 -18.99
C LYS B 124 -32.46 12.83 -19.52
N GLY B 125 -33.51 13.24 -18.81
CA GLY B 125 -34.30 14.38 -19.25
C GLY B 125 -33.54 15.70 -19.16
N LYS B 126 -32.67 15.84 -18.17
CA LYS B 126 -31.90 17.06 -18.01
C LYS B 126 -30.61 17.06 -18.81
N ARG B 127 -29.98 15.90 -18.96
CA ARG B 127 -28.80 15.75 -19.80
C ARG B 127 -29.05 14.63 -20.80
N PRO B 128 -29.50 14.98 -22.02
CA PRO B 128 -29.93 13.93 -22.97
C PRO B 128 -28.80 13.07 -23.51
N ILE B 129 -27.56 13.54 -23.53
CA ILE B 129 -26.44 12.77 -24.07
C ILE B 129 -25.81 12.01 -22.91
N ILE B 130 -26.11 10.71 -22.82
CA ILE B 130 -25.52 9.84 -21.82
C ILE B 130 -25.14 8.53 -22.51
N SER B 131 -23.86 8.19 -22.50
CA SER B 131 -23.41 6.98 -23.18
C SER B 131 -23.75 5.75 -22.34
N PRO B 132 -24.16 4.67 -22.98
CA PRO B 132 -24.54 3.47 -22.24
C PRO B 132 -23.33 2.68 -21.75
N ASN B 133 -23.49 2.05 -20.60
CA ASN B 133 -22.49 1.14 -20.04
C ASN B 133 -23.27 0.02 -19.36
N LEU B 134 -23.35 -1.14 -20.03
CA LEU B 134 -24.14 -2.25 -19.50
C LEU B 134 -23.62 -2.72 -18.15
N ASN B 135 -22.31 -2.66 -17.94
CA ASN B 135 -21.73 -3.03 -16.66
C ASN B 135 -22.23 -2.11 -15.55
N PHE B 136 -22.28 -0.80 -15.81
CA PHE B 136 -22.77 0.12 -14.80
C PHE B 136 -24.26 -0.06 -14.54
N MET B 137 -25.04 -0.32 -15.59
CA MET B 137 -26.46 -0.60 -15.38
C MET B 137 -26.66 -1.77 -14.44
N GLY B 138 -25.88 -2.84 -14.63
CA GLY B 138 -25.99 -3.99 -13.75
C GLY B 138 -25.70 -3.63 -12.31
N GLN B 139 -24.74 -2.73 -12.08
CA GLN B 139 -24.42 -2.34 -10.72
C GLN B 139 -25.54 -1.50 -10.11
N LEU B 140 -26.15 -0.61 -10.89
CA LEU B 140 -27.30 0.14 -10.41
C LEU B 140 -28.48 -0.77 -10.11
N LEU B 141 -28.63 -1.84 -10.88
CA LEU B 141 -29.75 -2.76 -10.64
C LEU B 141 -29.59 -3.48 -9.31
N GLU B 142 -28.38 -3.97 -9.03
CA GLU B 142 -28.13 -4.58 -7.73
C GLU B 142 -28.24 -3.55 -6.60
N PHE B 143 -27.86 -2.30 -6.87
CA PHE B 143 -28.00 -1.27 -5.84
C PHE B 143 -29.46 -1.01 -5.51
N GLU B 144 -30.34 -1.04 -6.52
CA GLU B 144 -31.77 -0.88 -6.27
C GLU B 144 -32.32 -2.01 -5.42
N GLU B 145 -31.89 -3.24 -5.70
CA GLU B 145 -32.36 -4.39 -4.92
C GLU B 145 -31.89 -4.29 -3.47
N ASP B 146 -30.65 -3.85 -3.25
CA ASP B 146 -30.11 -3.76 -1.89
C ASP B 146 -30.84 -2.71 -1.06
N LEU B 147 -31.27 -1.62 -1.69
CA LEU B 147 -32.05 -0.62 -0.97
C LEU B 147 -33.42 -1.17 -0.58
N ASN B 148 -34.09 -1.86 -1.51
CA ASN B 148 -35.42 -2.39 -1.22
C ASN B 148 -35.40 -3.51 -0.18
N ASN B 149 -34.32 -4.29 -0.12
CA ASN B 149 -34.21 -5.37 0.87
C ASN B 149 -33.62 -4.92 2.20
N GLY B 150 -32.79 -3.88 2.19
CA GLY B 150 -32.09 -3.47 3.40
C GLY B 150 -31.08 -2.36 3.17
N ALA C 5 36.36 -8.47 -26.15
CA ALA C 5 34.91 -8.26 -26.03
C ALA C 5 34.22 -8.62 -27.35
N GLU C 6 33.76 -9.85 -27.46
CA GLU C 6 33.31 -10.43 -28.73
C GLU C 6 31.83 -10.82 -28.64
N LEU C 7 30.94 -9.88 -28.93
CA LEU C 7 29.52 -10.19 -29.02
C LEU C 7 29.24 -10.52 -30.48
N THR C 8 29.24 -11.80 -30.81
CA THR C 8 29.14 -12.24 -32.20
C THR C 8 27.72 -12.06 -32.71
N PRO C 9 27.51 -11.26 -33.78
CA PRO C 9 26.16 -11.16 -34.36
C PRO C 9 25.87 -12.33 -35.29
N ILE C 10 25.12 -13.32 -34.80
CA ILE C 10 24.74 -14.44 -35.67
C ILE C 10 23.69 -13.99 -36.68
N LEU C 11 22.65 -13.33 -36.20
CA LEU C 11 21.64 -12.66 -36.99
C LEU C 11 21.55 -11.22 -36.51
N PRO C 12 20.93 -10.32 -37.29
CA PRO C 12 20.88 -8.91 -36.88
C PRO C 12 20.32 -8.68 -35.48
N PHE C 13 19.55 -9.63 -34.97
CA PHE C 13 18.95 -9.54 -33.64
C PHE C 13 19.44 -10.61 -32.67
N LEU C 14 20.30 -11.53 -33.11
CA LEU C 14 20.72 -12.67 -32.30
C LEU C 14 22.22 -12.64 -32.15
N PHE C 15 22.70 -12.64 -30.89
CA PHE C 15 24.12 -12.52 -30.59
C PHE C 15 24.56 -13.68 -29.70
N LEU C 16 25.80 -14.11 -29.91
CA LEU C 16 26.39 -15.24 -29.20
C LEU C 16 27.66 -14.78 -28.48
N GLY C 17 27.83 -15.22 -27.24
CA GLY C 17 29.03 -14.84 -26.50
C GLY C 17 29.30 -15.77 -25.34
N ASN C 18 30.39 -15.49 -24.64
CA ASN C 18 30.76 -16.23 -23.44
C ASN C 18 30.56 -15.33 -22.21
N GLU C 19 31.07 -15.79 -21.06
CA GLU C 19 30.86 -15.07 -19.81
C GLU C 19 31.45 -13.67 -19.84
N GLN C 20 32.67 -13.52 -20.36
CA GLN C 20 33.27 -12.18 -20.41
C GLN C 20 32.57 -11.28 -21.43
N ASP C 21 32.09 -11.84 -22.53
CA ASP C 21 31.34 -11.03 -23.50
C ASP C 21 30.06 -10.50 -22.88
N ALA C 22 29.39 -11.31 -22.05
CA ALA C 22 28.13 -10.92 -21.44
C ALA C 22 28.30 -9.78 -20.45
N GLN C 23 29.52 -9.42 -20.09
CA GLN C 23 29.78 -8.38 -19.11
C GLN C 23 30.14 -7.04 -19.76
N ASP C 24 30.16 -6.95 -21.09
CA ASP C 24 30.46 -5.69 -21.76
C ASP C 24 29.14 -4.95 -21.91
N LEU C 25 28.82 -4.13 -20.90
CA LEU C 25 27.52 -3.46 -20.87
C LEU C 25 27.39 -2.42 -21.98
N ASP C 26 28.47 -1.67 -22.26
CA ASP C 26 28.38 -0.60 -23.25
C ASP C 26 28.11 -1.15 -24.65
N THR C 27 28.80 -2.22 -25.03
CA THR C 27 28.59 -2.80 -26.36
C THR C 27 27.18 -3.36 -26.50
N MET C 28 26.67 -4.00 -25.45
CA MET C 28 25.31 -4.56 -25.50
C MET C 28 24.27 -3.47 -25.75
N GLN C 29 24.45 -2.30 -25.15
CA GLN C 29 23.50 -1.22 -25.38
C GLN C 29 23.67 -0.63 -26.77
N ARG C 30 24.90 -0.54 -27.28
CA ARG C 30 25.08 -0.03 -28.64
C ARG C 30 24.46 -0.98 -29.66
N LEU C 31 24.43 -2.27 -29.36
CA LEU C 31 23.85 -3.27 -30.24
C LEU C 31 22.35 -3.41 -30.05
N ASN C 32 21.75 -2.57 -29.21
CA ASN C 32 20.30 -2.58 -28.96
C ASN C 32 19.84 -3.94 -28.46
N ILE C 33 20.60 -4.54 -27.56
CA ILE C 33 20.25 -5.80 -26.94
C ILE C 33 19.34 -5.52 -25.75
N GLY C 34 18.20 -6.19 -25.71
CA GLY C 34 17.26 -6.01 -24.61
C GLY C 34 16.90 -7.31 -23.92
N TYR C 35 17.40 -8.42 -24.44
CA TYR C 35 17.09 -9.75 -23.94
C TYR C 35 18.37 -10.54 -23.76
N VAL C 36 18.44 -11.32 -22.69
CA VAL C 36 19.61 -12.12 -22.37
C VAL C 36 19.15 -13.52 -21.98
N ILE C 37 19.76 -14.54 -22.58
CA ILE C 37 19.58 -15.93 -22.20
C ILE C 37 20.88 -16.42 -21.60
N ASN C 38 20.86 -16.75 -20.32
CA ASN C 38 22.02 -17.27 -19.61
C ASN C 38 21.89 -18.79 -19.55
N VAL C 39 22.78 -19.51 -20.22
CA VAL C 39 22.68 -20.96 -20.32
C VAL C 39 23.66 -21.61 -19.34
N THR C 40 23.63 -21.18 -18.07
CA THR C 40 24.43 -21.81 -17.03
C THR C 40 23.59 -21.94 -15.78
N THR C 41 24.02 -22.83 -14.88
CA THR C 41 23.39 -22.93 -13.57
C THR C 41 23.98 -21.97 -12.55
N HIS C 42 25.26 -21.63 -12.67
CA HIS C 42 25.99 -21.00 -11.58
C HIS C 42 26.37 -19.56 -11.84
N LEU C 43 26.40 -19.11 -13.10
CA LEU C 43 26.76 -17.73 -13.34
C LEU C 43 25.63 -16.81 -12.89
N PRO C 44 25.96 -15.61 -12.43
CA PRO C 44 24.91 -14.63 -12.12
C PRO C 44 24.27 -14.13 -13.40
N LEU C 45 23.11 -13.50 -13.23
CA LEU C 45 22.50 -12.75 -14.33
C LEU C 45 23.18 -11.38 -14.35
N TYR C 46 24.16 -11.23 -15.25
CA TYR C 46 24.98 -10.02 -15.25
C TYR C 46 24.12 -8.80 -15.55
N HIS C 47 24.39 -7.72 -14.81
CA HIS C 47 23.71 -6.44 -14.94
C HIS C 47 22.25 -6.51 -14.51
N TYR C 48 21.89 -7.54 -13.74
CA TYR C 48 20.48 -7.74 -13.36
C TYR C 48 19.95 -6.55 -12.58
N GLU C 49 20.76 -6.00 -11.67
CA GLU C 49 20.27 -4.92 -10.83
C GLU C 49 20.11 -3.61 -11.59
N LYS C 50 20.60 -3.53 -12.83
CA LYS C 50 20.42 -2.34 -13.65
C LYS C 50 19.09 -2.27 -14.38
N GLY C 51 18.35 -3.38 -14.46
CA GLY C 51 17.02 -3.33 -15.05
C GLY C 51 16.99 -2.98 -16.52
N LEU C 52 18.03 -3.36 -17.27
CA LEU C 52 18.13 -3.00 -18.68
C LEU C 52 17.66 -4.10 -19.61
N PHE C 53 17.73 -5.36 -19.18
CA PHE C 53 17.47 -6.50 -20.04
C PHE C 53 16.39 -7.37 -19.43
N ASN C 54 15.70 -8.11 -20.31
CA ASN C 54 14.82 -9.18 -19.89
C ASN C 54 15.63 -10.47 -19.85
N TYR C 55 15.57 -11.18 -18.75
CA TYR C 55 16.44 -12.33 -18.55
C TYR C 55 15.65 -13.63 -18.57
N LYS C 56 16.32 -14.68 -19.03
CA LYS C 56 15.86 -16.05 -18.92
C LYS C 56 17.08 -16.92 -18.67
N ARG C 57 17.00 -17.78 -17.67
CA ARG C 57 18.07 -18.73 -17.39
C ARG C 57 17.66 -20.12 -17.85
N LEU C 58 18.51 -20.75 -18.65
CA LEU C 58 18.38 -22.17 -18.93
C LEU C 58 19.41 -22.90 -18.08
N PRO C 59 19.02 -23.45 -16.92
CA PRO C 59 20.03 -23.97 -15.98
C PRO C 59 20.65 -25.26 -16.46
N ALA C 60 21.71 -25.16 -17.25
CA ALA C 60 22.34 -26.32 -17.86
C ALA C 60 23.84 -26.31 -17.56
N THR C 61 24.42 -27.50 -17.54
CA THR C 61 25.85 -27.69 -17.40
C THR C 61 26.44 -28.17 -18.71
N ASP C 62 27.76 -28.02 -18.83
CA ASP C 62 28.47 -28.48 -20.03
C ASP C 62 29.01 -29.89 -19.81
N SER C 63 28.08 -30.85 -19.75
CA SER C 63 28.43 -32.23 -19.46
C SER C 63 27.97 -33.15 -20.58
N ASN C 64 28.38 -34.41 -20.50
CA ASN C 64 27.98 -35.40 -21.48
C ASN C 64 26.59 -35.99 -21.19
N LYS C 65 25.92 -35.53 -20.13
CA LYS C 65 24.58 -35.98 -19.81
C LYS C 65 23.54 -34.88 -19.83
N GLN C 66 23.93 -33.62 -19.98
CA GLN C 66 22.98 -32.52 -19.94
C GLN C 66 22.02 -32.58 -21.11
N ASN C 67 20.73 -32.39 -20.82
CA ASN C 67 19.68 -32.31 -21.83
C ASN C 67 19.45 -30.85 -22.18
N LEU C 68 19.77 -30.47 -23.42
CA LEU C 68 19.45 -29.14 -23.92
C LEU C 68 18.19 -29.10 -24.75
N ARG C 69 17.82 -30.21 -25.39
CA ARG C 69 16.61 -30.27 -26.20
C ARG C 69 15.38 -29.81 -25.44
N GLN C 70 15.31 -30.10 -24.14
CA GLN C 70 14.14 -29.69 -23.35
C GLN C 70 13.97 -28.18 -23.32
N TYR C 71 15.06 -27.44 -23.47
CA TYR C 71 15.04 -25.98 -23.41
C TYR C 71 14.91 -25.33 -24.78
N PHE C 72 14.88 -26.10 -25.87
CA PHE C 72 14.87 -25.51 -27.20
C PHE C 72 13.66 -24.62 -27.41
N GLU C 73 12.47 -25.17 -27.22
CA GLU C 73 11.25 -24.42 -27.54
C GLU C 73 11.09 -23.20 -26.65
N GLU C 74 11.49 -23.30 -25.38
CA GLU C 74 11.44 -22.13 -24.50
C GLU C 74 12.39 -21.04 -24.99
N ALA C 75 13.56 -21.42 -25.47
CA ALA C 75 14.52 -20.45 -25.98
C ALA C 75 14.05 -19.81 -27.28
N PHE C 76 13.33 -20.56 -28.13
CA PHE C 76 12.88 -20.02 -29.41
C PHE C 76 11.86 -18.90 -29.24
N GLU C 77 10.91 -19.07 -28.31
CA GLU C 77 9.90 -18.03 -28.07
C GLU C 77 10.53 -16.75 -27.53
N PHE C 78 11.53 -16.87 -26.66
CA PHE C 78 12.21 -15.69 -26.14
C PHE C 78 12.93 -14.95 -27.25
N ILE C 79 13.57 -15.69 -28.16
CA ILE C 79 14.21 -15.08 -29.32
C ILE C 79 13.16 -14.41 -30.20
N GLU C 80 12.03 -15.08 -30.39
CA GLU C 80 10.94 -14.49 -31.18
C GLU C 80 10.37 -13.25 -30.50
N GLU C 81 10.28 -13.27 -29.17
CA GLU C 81 9.76 -12.11 -28.46
C GLU C 81 10.69 -10.90 -28.63
N ALA C 82 12.00 -11.12 -28.52
CA ALA C 82 12.95 -10.04 -28.79
C ALA C 82 12.85 -9.58 -30.24
N HIS C 83 12.73 -10.52 -31.18
CA HIS C 83 12.65 -10.16 -32.59
C HIS C 83 11.40 -9.33 -32.88
N GLN C 84 10.28 -9.65 -32.23
CA GLN C 84 9.01 -9.00 -32.58
C GLN C 84 8.95 -7.55 -32.12
N CYS C 85 9.65 -7.20 -31.03
CA CYS C 85 9.60 -5.84 -30.53
C CYS C 85 10.87 -5.04 -30.86
N GLY C 86 11.66 -5.51 -31.81
CA GLY C 86 12.78 -4.74 -32.33
C GLY C 86 14.00 -4.66 -31.44
N LYS C 87 14.19 -5.61 -30.55
CA LYS C 87 15.35 -5.64 -29.67
C LYS C 87 16.21 -6.86 -29.99
N GLY C 88 17.51 -6.74 -29.70
CA GLY C 88 18.43 -7.85 -29.87
C GLY C 88 18.45 -8.77 -28.66
N LEU C 89 18.79 -10.02 -28.89
CA LEU C 89 18.93 -11.01 -27.82
C LEU C 89 20.35 -11.55 -27.81
N LEU C 90 20.96 -11.60 -26.63
CA LEU C 90 22.25 -12.22 -26.42
C LEU C 90 22.05 -13.53 -25.66
N ILE C 91 22.61 -14.61 -26.18
CA ILE C 91 22.64 -15.89 -25.50
C ILE C 91 24.09 -16.25 -25.23
N HIS C 92 24.40 -16.62 -23.99
CA HIS C 92 25.78 -16.83 -23.57
C HIS C 92 25.86 -17.98 -22.58
N CYS C 93 27.05 -18.56 -22.49
CA CYS C 93 27.39 -19.48 -21.41
C CYS C 93 28.80 -19.19 -20.90
N GLN C 94 29.77 -20.05 -21.22
CA GLN C 94 31.13 -19.85 -20.73
C GLN C 94 32.10 -19.94 -21.91
N ALA C 95 33.38 -20.16 -21.57
CA ALA C 95 34.48 -19.91 -22.51
C ALA C 95 34.28 -20.60 -23.86
N GLY C 96 34.01 -21.90 -23.84
CA GLY C 96 33.88 -22.62 -25.10
C GLY C 96 32.57 -22.44 -25.86
N VAL C 97 31.65 -21.63 -25.33
CA VAL C 97 30.30 -21.39 -25.83
C VAL C 97 29.61 -22.66 -26.32
N SER C 98 29.92 -23.82 -25.73
CA SER C 98 29.30 -25.07 -26.16
C SER C 98 27.78 -25.04 -25.98
N ARG C 99 27.32 -24.62 -24.80
CA ARG C 99 25.89 -24.66 -24.52
C ARG C 99 25.13 -23.65 -25.38
N SER C 100 25.59 -22.40 -25.41
CA SER C 100 24.84 -21.37 -26.12
C SER C 100 24.90 -21.58 -27.63
N ALA C 101 26.03 -22.05 -28.15
CA ALA C 101 26.09 -22.30 -29.59
C ALA C 101 25.14 -23.40 -30.03
N THR C 102 24.88 -24.39 -29.17
CA THR C 102 23.92 -25.43 -29.51
C THR C 102 22.52 -24.85 -29.69
N ILE C 103 22.11 -23.97 -28.77
CA ILE C 103 20.78 -23.37 -28.86
C ILE C 103 20.69 -22.51 -30.11
N VAL C 104 21.75 -21.75 -30.41
CA VAL C 104 21.74 -20.91 -31.60
C VAL C 104 21.61 -21.75 -32.85
N ILE C 105 22.41 -22.81 -32.95
CA ILE C 105 22.33 -23.70 -34.11
C ILE C 105 20.95 -24.32 -34.23
N ALA C 106 20.39 -24.80 -33.10
CA ALA C 106 19.06 -25.38 -33.14
C ALA C 106 18.02 -24.38 -33.62
N TYR C 107 18.17 -23.11 -33.22
CA TYR C 107 17.26 -22.08 -33.71
C TYR C 107 17.41 -21.88 -35.21
N LEU C 108 18.65 -21.85 -35.69
CA LEU C 108 18.87 -21.70 -37.13
C LEU C 108 18.30 -22.86 -37.92
N MET C 109 18.31 -24.07 -37.34
CA MET C 109 17.73 -25.22 -38.04
C MET C 109 16.21 -25.09 -38.15
N LYS C 110 15.55 -24.66 -37.08
CA LYS C 110 14.09 -24.66 -37.11
C LYS C 110 13.54 -23.44 -37.82
N HIS C 111 14.10 -22.26 -37.57
CA HIS C 111 13.49 -21.03 -38.08
C HIS C 111 14.10 -20.52 -39.37
N THR C 112 15.34 -20.89 -39.71
CA THR C 112 15.94 -20.50 -40.97
C THR C 112 16.09 -21.64 -41.97
N ARG C 113 15.67 -22.85 -41.63
CA ARG C 113 15.66 -24.01 -42.53
C ARG C 113 17.06 -24.45 -42.97
N MET C 114 18.07 -24.20 -42.14
CA MET C 114 19.40 -24.74 -42.38
C MET C 114 19.50 -26.17 -41.87
N THR C 115 20.34 -26.97 -42.53
CA THR C 115 20.70 -28.26 -41.99
C THR C 115 21.59 -28.09 -40.77
N MET C 116 21.69 -29.16 -39.97
CA MET C 116 22.54 -29.12 -38.78
C MET C 116 23.97 -28.74 -39.15
N THR C 117 24.51 -29.37 -40.20
CA THR C 117 25.86 -29.08 -40.64
C THR C 117 26.00 -27.64 -41.13
N ASP C 118 25.07 -27.19 -41.99
CA ASP C 118 25.15 -25.83 -42.52
C ASP C 118 24.95 -24.80 -41.41
N ALA C 119 24.11 -25.08 -40.43
CA ALA C 119 23.92 -24.16 -39.32
C ALA C 119 25.20 -24.05 -38.48
N TYR C 120 25.88 -25.17 -38.27
CA TYR C 120 27.13 -25.13 -37.52
C TYR C 120 28.20 -24.34 -38.26
N LYS C 121 28.37 -24.60 -39.55
CA LYS C 121 29.36 -23.85 -40.32
C LYS C 121 29.01 -22.36 -40.37
N PHE C 122 27.72 -22.03 -40.39
CA PHE C 122 27.32 -20.62 -40.36
C PHE C 122 27.79 -19.96 -39.06
N VAL C 123 27.55 -20.62 -37.93
CA VAL C 123 28.00 -20.08 -36.64
C VAL C 123 29.52 -20.13 -36.53
N LYS C 124 30.12 -21.26 -36.95
CA LYS C 124 31.57 -21.41 -36.86
C LYS C 124 32.31 -20.36 -37.67
N GLY C 125 31.72 -19.91 -38.79
CA GLY C 125 32.34 -18.85 -39.57
C GLY C 125 32.35 -17.51 -38.87
N LYS C 126 31.33 -17.24 -38.06
CA LYS C 126 31.24 -15.96 -37.34
C LYS C 126 31.93 -15.99 -35.99
N ARG C 127 31.92 -17.14 -35.29
CA ARG C 127 32.63 -17.29 -34.03
C ARG C 127 33.59 -18.47 -34.13
N PRO C 128 34.86 -18.24 -34.42
CA PRO C 128 35.76 -19.35 -34.76
C PRO C 128 36.04 -20.32 -33.61
N ILE C 129 35.96 -19.88 -32.36
CA ILE C 129 36.28 -20.73 -31.22
C ILE C 129 34.98 -21.30 -30.65
N ILE C 130 34.74 -22.58 -30.92
CA ILE C 130 33.58 -23.30 -30.39
C ILE C 130 34.05 -24.66 -29.88
N SER C 131 33.86 -24.92 -28.58
CA SER C 131 34.32 -26.16 -27.96
C SER C 131 33.36 -27.31 -28.29
N PRO C 132 33.89 -28.49 -28.53
CA PRO C 132 33.03 -29.62 -28.91
C PRO C 132 32.32 -30.24 -27.72
N ASN C 133 31.13 -30.76 -27.98
CA ASN C 133 30.37 -31.52 -27.00
C ASN C 133 29.62 -32.62 -27.74
N LEU C 134 30.11 -33.87 -27.63
CA LEU C 134 29.49 -34.96 -28.38
C LEU C 134 28.04 -35.18 -27.98
N ASN C 135 27.72 -34.99 -26.70
CA ASN C 135 26.35 -35.15 -26.24
C ASN C 135 25.43 -34.14 -26.92
N PHE C 136 25.86 -32.88 -27.02
CA PHE C 136 25.02 -31.87 -27.66
C PHE C 136 24.90 -32.12 -29.16
N MET C 137 25.98 -32.59 -29.80
CA MET C 137 25.91 -32.93 -31.22
C MET C 137 24.84 -33.98 -31.47
N GLY C 138 24.81 -35.03 -30.63
CA GLY C 138 23.81 -36.07 -30.81
C GLY C 138 22.40 -35.53 -30.68
N GLN C 139 22.20 -34.58 -29.75
CA GLN C 139 20.86 -34.02 -29.57
C GLN C 139 20.47 -33.16 -30.77
N LEU C 140 21.42 -32.41 -31.33
CA LEU C 140 21.14 -31.67 -32.55
C LEU C 140 20.85 -32.64 -33.69
N LEU C 141 21.49 -33.81 -33.69
CA LEU C 141 21.23 -34.79 -34.74
C LEU C 141 19.83 -35.35 -34.63
N GLU C 142 19.39 -35.70 -33.41
CA GLU C 142 18.02 -36.15 -33.22
C GLU C 142 17.02 -35.03 -33.48
N PHE C 143 17.38 -33.79 -33.17
CA PHE C 143 16.51 -32.67 -33.45
C PHE C 143 16.32 -32.48 -34.96
N GLU C 144 17.38 -32.71 -35.73
CA GLU C 144 17.26 -32.63 -37.19
C GLU C 144 16.31 -33.69 -37.72
N GLU C 145 16.34 -34.89 -37.13
CA GLU C 145 15.42 -35.95 -37.54
C GLU C 145 13.97 -35.56 -37.29
N ASP C 146 13.69 -34.95 -36.14
CA ASP C 146 12.32 -34.56 -35.82
C ASP C 146 11.82 -33.45 -36.74
N LEU C 147 12.70 -32.52 -37.12
CA LEU C 147 12.30 -31.48 -38.05
C LEU C 147 11.98 -32.05 -39.42
N ASN C 148 12.82 -32.97 -39.92
CA ASN C 148 12.55 -33.56 -41.23
C ASN C 148 11.28 -34.39 -41.20
N ASN C 149 10.92 -34.95 -40.05
CA ASN C 149 9.66 -35.68 -39.93
C ASN C 149 8.55 -34.71 -39.54
N GLY C 150 7.63 -35.15 -38.69
CA GLY C 150 6.48 -34.36 -38.32
C GLY C 150 6.59 -33.58 -37.03
N VAL C 151 7.67 -33.78 -36.27
CA VAL C 151 7.81 -33.12 -34.98
C VAL C 151 8.87 -32.04 -35.02
N GLU D 6 -24.77 -6.23 7.03
CA GLU D 6 -23.34 -6.48 6.83
C GLU D 6 -22.61 -6.44 8.17
N LEU D 7 -23.36 -6.72 9.24
CA LEU D 7 -22.84 -6.77 10.61
C LEU D 7 -22.42 -8.20 10.95
N THR D 8 -21.12 -8.48 10.86
CA THR D 8 -20.62 -9.85 10.99
C THR D 8 -20.66 -10.37 12.42
N PRO D 9 -21.40 -11.46 12.69
CA PRO D 9 -21.39 -12.06 14.02
C PRO D 9 -20.22 -13.02 14.27
N ILE D 10 -19.19 -12.57 14.99
CA ILE D 10 -18.10 -13.47 15.34
C ILE D 10 -18.57 -14.50 16.38
N LEU D 11 -19.21 -14.02 17.44
CA LEU D 11 -19.89 -14.83 18.43
C LEU D 11 -21.31 -14.33 18.55
N PRO D 12 -22.24 -15.11 19.13
CA PRO D 12 -23.63 -14.65 19.23
C PRO D 12 -23.80 -13.30 19.91
N PHE D 13 -22.84 -12.86 20.73
CA PHE D 13 -22.92 -11.57 21.41
C PHE D 13 -21.83 -10.61 20.96
N LEU D 14 -20.94 -11.02 20.07
CA LEU D 14 -19.81 -10.22 19.63
C LEU D 14 -19.90 -10.01 18.13
N PHE D 15 -19.94 -8.76 17.70
CA PHE D 15 -20.13 -8.45 16.29
C PHE D 15 -19.02 -7.53 15.81
N LEU D 16 -18.61 -7.73 14.56
CA LEU D 16 -17.50 -7.00 13.96
C LEU D 16 -17.99 -6.29 12.70
N GLY D 17 -17.59 -5.04 12.55
CA GLY D 17 -18.04 -4.29 11.38
C GLY D 17 -17.15 -3.11 11.12
N ASN D 18 -17.49 -2.38 10.07
CA ASN D 18 -16.80 -1.16 9.69
C ASN D 18 -17.70 0.05 9.94
N GLU D 19 -17.27 1.20 9.41
CA GLU D 19 -17.99 2.45 9.62
C GLU D 19 -19.41 2.38 9.08
N GLN D 20 -19.59 1.78 7.90
CA GLN D 20 -20.92 1.69 7.31
C GLN D 20 -21.83 0.75 8.08
N ASP D 21 -21.27 -0.33 8.61
CA ASP D 21 -22.08 -1.25 9.39
C ASP D 21 -22.61 -0.60 10.65
N ALA D 22 -21.79 0.23 11.30
CA ALA D 22 -22.17 0.84 12.57
C ALA D 22 -23.32 1.82 12.44
N GLN D 23 -23.72 2.17 11.22
CA GLN D 23 -24.79 3.13 10.99
C GLN D 23 -26.12 2.48 10.69
N ASP D 24 -26.18 1.14 10.66
CA ASP D 24 -27.43 0.43 10.41
C ASP D 24 -28.11 0.22 11.76
N LEU D 25 -28.94 1.20 12.14
CA LEU D 25 -29.57 1.15 13.46
C LEU D 25 -30.57 0.01 13.56
N ASP D 26 -31.31 -0.26 12.49
CA ASP D 26 -32.32 -1.31 12.54
C ASP D 26 -31.70 -2.68 12.72
N THR D 27 -30.60 -2.95 12.01
CA THR D 27 -29.93 -4.25 12.15
C THR D 27 -29.38 -4.42 13.56
N MET D 28 -28.81 -3.36 14.12
CA MET D 28 -28.30 -3.43 15.50
C MET D 28 -29.42 -3.75 16.48
N GLN D 29 -30.60 -3.16 16.27
CA GLN D 29 -31.73 -3.44 17.14
C GLN D 29 -32.29 -4.84 16.88
N ARG D 30 -32.30 -5.27 15.62
CA ARG D 30 -32.74 -6.65 15.32
C ARG D 30 -31.78 -7.69 15.88
N LEU D 31 -30.49 -7.36 15.96
CA LEU D 31 -29.51 -8.27 16.56
C LEU D 31 -29.39 -8.10 18.06
N ASN D 32 -30.22 -7.26 18.68
CA ASN D 32 -30.21 -7.09 20.14
C ASN D 32 -28.85 -6.60 20.64
N ILE D 33 -28.26 -5.64 19.92
CA ILE D 33 -26.98 -5.06 20.31
C ILE D 33 -27.24 -3.93 21.29
N GLY D 34 -26.52 -3.95 22.41
CA GLY D 34 -26.67 -2.91 23.41
C GLY D 34 -25.37 -2.19 23.74
N TYR D 35 -24.26 -2.64 23.15
CA TYR D 35 -22.95 -2.09 23.43
C TYR D 35 -22.20 -1.83 22.12
N VAL D 36 -21.48 -0.71 22.08
CA VAL D 36 -20.72 -0.32 20.89
C VAL D 36 -19.33 0.13 21.32
N ILE D 37 -18.31 -0.42 20.66
CA ILE D 37 -16.92 0.01 20.80
C ILE D 37 -16.48 0.61 19.48
N ASN D 38 -16.19 1.91 19.50
CA ASN D 38 -15.71 2.65 18.34
C ASN D 38 -14.19 2.75 18.46
N VAL D 39 -13.48 2.12 17.53
CA VAL D 39 -12.02 2.06 17.60
C VAL D 39 -11.40 3.09 16.67
N THR D 40 -11.84 4.34 16.75
CA THR D 40 -11.24 5.42 15.98
C THR D 40 -11.13 6.66 16.84
N THR D 41 -10.28 7.60 16.41
CA THR D 41 -10.25 8.92 17.04
C THR D 41 -11.28 9.87 16.45
N HIS D 42 -11.61 9.71 15.16
CA HIS D 42 -12.31 10.75 14.42
C HIS D 42 -13.75 10.41 14.04
N LEU D 43 -14.14 9.15 14.03
CA LEU D 43 -15.50 8.82 13.69
C LEU D 43 -16.44 9.21 14.84
N PRO D 44 -17.67 9.60 14.54
CA PRO D 44 -18.63 9.88 15.60
C PRO D 44 -19.08 8.59 16.28
N LEU D 45 -19.67 8.74 17.46
CA LEU D 45 -20.40 7.65 18.10
C LEU D 45 -21.78 7.63 17.48
N TYR D 46 -22.00 6.75 16.52
CA TYR D 46 -23.25 6.76 15.76
C TYR D 46 -24.44 6.48 16.67
N HIS D 47 -25.50 7.28 16.49
CA HIS D 47 -26.76 7.18 17.23
C HIS D 47 -26.62 7.51 18.71
N TYR D 48 -25.56 8.23 19.08
CA TYR D 48 -25.31 8.52 20.48
C TYR D 48 -26.45 9.29 21.12
N GLU D 49 -26.99 10.28 20.41
CA GLU D 49 -28.02 11.13 21.01
C GLU D 49 -29.36 10.42 21.17
N LYS D 50 -29.50 9.21 20.62
CA LYS D 50 -30.73 8.45 20.81
C LYS D 50 -30.75 7.69 22.13
N GLY D 51 -29.63 7.60 22.84
CA GLY D 51 -29.62 6.98 24.15
C GLY D 51 -29.93 5.51 24.16
N LEU D 52 -29.52 4.77 23.11
CA LEU D 52 -29.87 3.36 22.99
C LEU D 52 -28.75 2.42 23.42
N PHE D 53 -27.49 2.82 23.28
CA PHE D 53 -26.37 1.91 23.51
C PHE D 53 -25.38 2.52 24.49
N ASN D 54 -24.59 1.65 25.13
CA ASN D 54 -23.45 2.08 25.91
C ASN D 54 -22.23 2.11 24.99
N TYR D 55 -21.49 3.21 25.02
CA TYR D 55 -20.38 3.42 24.09
C TYR D 55 -19.06 3.40 24.83
N LYS D 56 -18.03 2.97 24.10
CA LYS D 56 -16.65 3.08 24.53
C LYS D 56 -15.83 3.42 23.30
N ARG D 57 -15.01 4.46 23.40
CA ARG D 57 -14.11 4.82 22.32
C ARG D 57 -12.70 4.42 22.69
N LEU D 58 -12.07 3.63 21.81
CA LEU D 58 -10.64 3.40 21.91
C LEU D 58 -9.97 4.28 20.85
N PRO D 59 -9.49 5.48 21.21
CA PRO D 59 -9.04 6.44 20.19
C PRO D 59 -7.75 6.03 19.53
N ALA D 60 -7.85 5.23 18.48
CA ALA D 60 -6.70 4.66 17.81
C ALA D 60 -6.76 4.93 16.31
N THR D 61 -5.60 5.01 15.69
CA THR D 61 -5.49 5.12 14.24
C THR D 61 -4.95 3.82 13.66
N ASP D 62 -5.16 3.65 12.35
CA ASP D 62 -4.71 2.44 11.66
C ASP D 62 -3.30 2.66 11.11
N SER D 63 -2.34 2.72 12.03
CA SER D 63 -0.95 3.02 11.70
C SER D 63 -0.04 1.87 12.11
N ASN D 64 1.20 1.94 11.67
CA ASN D 64 2.21 0.94 11.98
C ASN D 64 2.87 1.15 13.34
N LYS D 65 2.47 2.18 14.09
CA LYS D 65 3.00 2.42 15.42
C LYS D 65 1.94 2.42 16.51
N GLN D 66 0.66 2.33 16.15
CA GLN D 66 -0.42 2.42 17.12
C GLN D 66 -0.36 1.25 18.11
N ASN D 67 -0.51 1.58 19.39
CA ASN D 67 -0.57 0.57 20.45
C ASN D 67 -2.03 0.22 20.68
N LEU D 68 -2.42 -1.01 20.34
CA LEU D 68 -3.74 -1.53 20.65
C LEU D 68 -3.75 -2.42 21.88
N ARG D 69 -2.61 -3.03 22.21
CA ARG D 69 -2.52 -3.90 23.39
C ARG D 69 -3.00 -3.18 24.65
N GLN D 70 -2.72 -1.88 24.76
CA GLN D 70 -3.10 -1.14 25.95
C GLN D 70 -4.61 -1.13 26.18
N TYR D 71 -5.40 -1.30 25.12
CA TYR D 71 -6.86 -1.27 25.23
C TYR D 71 -7.48 -2.64 25.43
N PHE D 72 -6.69 -3.71 25.42
CA PHE D 72 -7.25 -5.06 25.46
C PHE D 72 -8.10 -5.28 26.71
N GLU D 73 -7.53 -5.04 27.90
CA GLU D 73 -8.25 -5.34 29.13
C GLU D 73 -9.51 -4.48 29.26
N GLU D 74 -9.44 -3.22 28.82
CA GLU D 74 -10.62 -2.37 28.86
C GLU D 74 -11.70 -2.89 27.92
N ALA D 75 -11.32 -3.34 26.72
CA ALA D 75 -12.29 -3.86 25.77
C ALA D 75 -12.88 -5.19 26.22
N PHE D 76 -12.07 -6.03 26.86
CA PHE D 76 -12.57 -7.32 27.31
C PHE D 76 -13.63 -7.14 28.40
N GLU D 77 -13.41 -6.18 29.31
CA GLU D 77 -14.38 -5.92 30.37
C GLU D 77 -15.71 -5.46 29.78
N PHE D 78 -15.65 -4.62 28.74
CA PHE D 78 -16.87 -4.16 28.10
C PHE D 78 -17.59 -5.30 27.40
N ILE D 79 -16.85 -6.17 26.70
CA ILE D 79 -17.46 -7.31 26.01
C ILE D 79 -18.08 -8.27 27.03
N GLU D 80 -17.36 -8.55 28.11
CA GLU D 80 -17.91 -9.45 29.12
C GLU D 80 -19.15 -8.86 29.77
N GLU D 81 -19.21 -7.54 29.95
CA GLU D 81 -20.40 -6.94 30.54
C GLU D 81 -21.61 -7.16 29.64
N ALA D 82 -21.44 -6.98 28.33
CA ALA D 82 -22.52 -7.30 27.39
C ALA D 82 -22.86 -8.78 27.45
N HIS D 83 -21.84 -9.63 27.52
CA HIS D 83 -22.06 -11.07 27.59
C HIS D 83 -22.83 -11.45 28.86
N GLN D 84 -22.53 -10.79 29.99
CA GLN D 84 -23.12 -11.20 31.26
C GLN D 84 -24.59 -10.86 31.33
N CYS D 85 -25.02 -9.81 30.63
CA CYS D 85 -26.42 -9.40 30.65
C CYS D 85 -27.14 -9.77 29.36
N GLY D 86 -26.54 -10.62 28.52
CA GLY D 86 -27.23 -11.18 27.37
C GLY D 86 -27.49 -10.27 26.19
N LYS D 87 -26.75 -9.17 26.05
CA LYS D 87 -26.91 -8.25 24.94
C LYS D 87 -25.66 -8.32 24.06
N GLY D 88 -25.81 -7.99 22.78
CA GLY D 88 -24.68 -8.02 21.87
C GLY D 88 -23.86 -6.75 21.89
N LEU D 89 -22.57 -6.88 21.57
CA LEU D 89 -21.65 -5.76 21.47
C LEU D 89 -21.13 -5.67 20.06
N LEU D 90 -21.14 -4.48 19.50
CA LEU D 90 -20.57 -4.19 18.19
C LEU D 90 -19.26 -3.43 18.37
N ILE D 91 -18.19 -3.93 17.79
CA ILE D 91 -16.91 -3.24 17.75
C ILE D 91 -16.58 -2.97 16.30
N HIS D 92 -16.26 -1.73 15.98
CA HIS D 92 -16.08 -1.32 14.60
C HIS D 92 -14.96 -0.30 14.50
N CYS D 93 -14.39 -0.20 13.31
CA CYS D 93 -13.51 0.90 12.96
C CYS D 93 -13.80 1.35 11.53
N GLN D 94 -12.93 1.04 10.57
CA GLN D 94 -13.11 1.50 9.20
C GLN D 94 -13.00 0.33 8.22
N ALA D 95 -12.73 0.67 6.95
CA ALA D 95 -12.93 -0.25 5.84
C ALA D 95 -12.24 -1.59 6.04
N GLY D 96 -10.95 -1.58 6.35
CA GLY D 96 -10.25 -2.84 6.49
C GLY D 96 -10.48 -3.60 7.78
N VAL D 97 -11.30 -3.06 8.68
CA VAL D 97 -11.55 -3.55 10.04
C VAL D 97 -10.28 -4.06 10.73
N SER D 98 -9.13 -3.46 10.39
CA SER D 98 -7.86 -3.89 10.99
C SER D 98 -7.85 -3.68 12.50
N ARG D 99 -8.25 -2.50 12.96
CA ARG D 99 -8.22 -2.20 14.39
C ARG D 99 -9.22 -3.05 15.17
N SER D 100 -10.47 -3.09 14.70
CA SER D 100 -11.50 -3.82 15.43
C SER D 100 -11.27 -5.33 15.37
N ALA D 101 -10.78 -5.84 14.24
CA ALA D 101 -10.50 -7.27 14.16
C ALA D 101 -9.37 -7.68 15.09
N THR D 102 -8.40 -6.78 15.34
CA THR D 102 -7.34 -7.10 16.29
C THR D 102 -7.91 -7.36 17.67
N ILE D 103 -8.84 -6.50 18.12
CA ILE D 103 -9.44 -6.68 19.43
C ILE D 103 -10.26 -7.96 19.49
N VAL D 104 -11.02 -8.25 18.44
CA VAL D 104 -11.84 -9.46 18.41
C VAL D 104 -10.96 -10.70 18.49
N ILE D 105 -9.90 -10.75 17.69
CA ILE D 105 -9.00 -11.89 17.73
C ILE D 105 -8.39 -12.04 19.12
N ALA D 106 -7.94 -10.93 19.71
CA ALA D 106 -7.37 -10.97 21.06
C ALA D 106 -8.38 -11.47 22.07
N TYR D 107 -9.65 -11.07 21.94
CA TYR D 107 -10.67 -11.58 22.86
C TYR D 107 -10.86 -13.08 22.67
N LEU D 108 -10.89 -13.53 21.42
CA LEU D 108 -11.02 -14.96 21.15
C LEU D 108 -9.83 -15.74 21.69
N MET D 109 -8.64 -15.15 21.65
CA MET D 109 -7.46 -15.82 22.19
C MET D 109 -7.56 -15.98 23.70
N LYS D 110 -8.04 -14.95 24.40
CA LYS D 110 -8.04 -15.02 25.85
C LYS D 110 -9.26 -15.78 26.39
N HIS D 111 -10.46 -15.50 25.86
CA HIS D 111 -11.68 -16.01 26.48
C HIS D 111 -12.21 -17.29 25.86
N THR D 112 -11.84 -17.62 24.62
CA THR D 112 -12.19 -18.91 24.04
C THR D 112 -10.99 -19.84 23.94
N ARG D 113 -9.81 -19.38 24.34
CA ARG D 113 -8.59 -20.20 24.43
C ARG D 113 -8.15 -20.76 23.08
N MET D 114 -8.47 -20.06 21.99
CA MET D 114 -7.93 -20.40 20.69
C MET D 114 -6.53 -19.81 20.52
N THR D 115 -5.72 -20.49 19.70
CA THR D 115 -4.45 -19.90 19.32
C THR D 115 -4.67 -18.69 18.44
N MET D 116 -3.63 -17.85 18.35
CA MET D 116 -3.71 -16.64 17.52
C MET D 116 -4.07 -16.98 16.08
N THR D 117 -3.42 -18.00 15.52
CA THR D 117 -3.67 -18.38 14.13
C THR D 117 -5.12 -18.84 13.94
N ASP D 118 -5.59 -19.73 14.82
CA ASP D 118 -6.96 -20.22 14.68
C ASP D 118 -7.98 -19.12 14.92
N ALA D 119 -7.68 -18.18 15.82
CA ALA D 119 -8.60 -17.06 16.03
C ALA D 119 -8.69 -16.21 14.77
N TYR D 120 -7.56 -15.97 14.09
CA TYR D 120 -7.60 -15.23 12.84
C TYR D 120 -8.38 -16.00 11.77
N LYS D 121 -8.10 -17.31 11.64
CA LYS D 121 -8.84 -18.11 10.67
C LYS D 121 -10.31 -18.15 11.00
N PHE D 122 -10.66 -18.14 12.29
CA PHE D 122 -12.06 -18.10 12.69
C PHE D 122 -12.73 -16.80 12.22
N VAL D 123 -12.09 -15.66 12.49
CA VAL D 123 -12.65 -14.38 12.07
C VAL D 123 -12.58 -14.22 10.56
N LYS D 124 -11.43 -14.57 9.96
CA LYS D 124 -11.26 -14.41 8.52
C LYS D 124 -12.28 -15.25 7.75
N GLY D 125 -12.70 -16.39 8.31
CA GLY D 125 -13.72 -17.19 7.68
C GLY D 125 -15.09 -16.54 7.69
N LYS D 126 -15.39 -15.77 8.74
CA LYS D 126 -16.68 -15.09 8.84
C LYS D 126 -16.67 -13.72 8.19
N ARG D 127 -15.54 -13.02 8.20
CA ARG D 127 -15.40 -11.74 7.52
C ARG D 127 -14.21 -11.82 6.56
N PRO D 128 -14.44 -12.08 5.27
CA PRO D 128 -13.32 -12.40 4.38
C PRO D 128 -12.37 -11.24 4.12
N ILE D 129 -12.85 -10.01 4.20
CA ILE D 129 -12.03 -8.84 3.91
C ILE D 129 -11.52 -8.26 5.23
N ILE D 130 -10.25 -8.48 5.52
CA ILE D 130 -9.58 -7.90 6.69
C ILE D 130 -8.23 -7.38 6.22
N SER D 131 -8.01 -6.07 6.35
CA SER D 131 -6.76 -5.50 5.85
C SER D 131 -5.62 -5.82 6.81
N PRO D 132 -4.44 -6.14 6.29
CA PRO D 132 -3.32 -6.52 7.16
C PRO D 132 -2.66 -5.32 7.82
N ASN D 133 -2.15 -5.56 9.01
CA ASN D 133 -1.37 -4.57 9.75
C ASN D 133 -0.28 -5.35 10.48
N LEU D 134 0.95 -5.27 9.99
CA LEU D 134 2.04 -6.03 10.59
C LEU D 134 2.28 -5.61 12.03
N ASN D 135 2.08 -4.33 12.35
CA ASN D 135 2.25 -3.87 13.72
C ASN D 135 1.24 -4.54 14.66
N PHE D 136 -0.02 -4.62 14.25
CA PHE D 136 -1.03 -5.25 15.10
C PHE D 136 -0.78 -6.75 15.21
N MET D 137 -0.32 -7.37 14.11
CA MET D 137 0.05 -8.79 14.17
C MET D 137 1.14 -9.02 15.21
N GLY D 138 2.14 -8.14 15.25
CA GLY D 138 3.19 -8.29 16.24
C GLY D 138 2.66 -8.24 17.66
N GLN D 139 1.67 -7.37 17.90
CA GLN D 139 1.06 -7.26 19.22
C GLN D 139 0.25 -8.50 19.58
N LEU D 140 -0.47 -9.05 18.60
CA LEU D 140 -1.19 -10.30 18.85
C LEU D 140 -0.25 -11.44 19.15
N LEU D 141 0.93 -11.46 18.52
CA LEU D 141 1.92 -12.49 18.79
C LEU D 141 2.51 -12.32 20.19
N GLU D 142 2.80 -11.08 20.58
CA GLU D 142 3.28 -10.82 21.92
C GLU D 142 2.22 -11.16 22.95
N PHE D 143 0.95 -10.93 22.60
CA PHE D 143 -0.16 -11.27 23.49
C PHE D 143 -0.30 -12.79 23.66
N GLU D 144 -0.08 -13.54 22.58
CA GLU D 144 -0.17 -15.00 22.68
C GLU D 144 0.88 -15.55 23.64
N GLU D 145 2.10 -15.01 23.59
CA GLU D 145 3.12 -15.44 24.55
C GLU D 145 2.73 -15.06 25.97
N ASP D 146 2.16 -13.88 26.15
CA ASP D 146 1.76 -13.44 27.49
C ASP D 146 0.65 -14.33 28.05
N LEU D 147 -0.26 -14.81 27.19
CA LEU D 147 -1.28 -15.75 27.67
C LEU D 147 -0.66 -17.07 28.10
N ASN D 148 0.28 -17.61 27.31
CA ASN D 148 0.91 -18.87 27.66
C ASN D 148 1.76 -18.75 28.90
N ASN D 149 2.31 -17.57 29.17
CA ASN D 149 3.08 -17.30 30.38
C ASN D 149 2.22 -16.82 31.54
N GLY D 150 1.06 -16.24 31.27
CA GLY D 150 0.21 -15.60 32.26
C GLY D 150 0.92 -14.63 33.19
N ALA E 5 29.92 -12.20 9.47
CA ALA E 5 28.97 -13.12 8.85
C ALA E 5 28.52 -14.19 9.85
N GLU E 6 27.36 -14.80 9.59
CA GLU E 6 26.81 -15.79 10.51
C GLU E 6 25.79 -16.66 9.77
N LEU E 7 26.06 -17.96 9.72
CA LEU E 7 25.15 -18.95 9.18
C LEU E 7 24.30 -19.50 10.33
N THR E 8 23.07 -19.04 10.44
CA THR E 8 22.26 -19.38 11.61
C THR E 8 21.88 -20.86 11.57
N PRO E 9 22.27 -21.66 12.57
CA PRO E 9 21.84 -23.06 12.59
C PRO E 9 20.43 -23.25 13.13
N ILE E 10 19.46 -23.44 12.23
CA ILE E 10 18.10 -23.72 12.65
C ILE E 10 18.01 -25.10 13.27
N LEU E 11 18.57 -26.10 12.58
CA LEU E 11 18.74 -27.46 13.05
C LEU E 11 20.22 -27.80 12.90
N PRO E 12 20.71 -28.86 13.58
CA PRO E 12 22.15 -29.19 13.48
C PRO E 12 22.68 -29.36 12.07
N PHE E 13 21.80 -29.65 11.12
CA PHE E 13 22.20 -29.85 9.73
C PHE E 13 21.60 -28.80 8.79
N LEU E 14 20.78 -27.89 9.29
CA LEU E 14 20.05 -26.94 8.46
C LEU E 14 20.44 -25.52 8.85
N PHE E 15 20.92 -24.74 7.88
CA PHE E 15 21.44 -23.41 8.13
C PHE E 15 20.73 -22.40 7.25
N LEU E 16 20.54 -21.20 7.79
CA LEU E 16 19.84 -20.10 7.14
C LEU E 16 20.77 -18.90 7.03
N GLY E 17 20.79 -18.25 5.87
CA GLY E 17 21.67 -17.12 5.71
C GLY E 17 21.24 -16.23 4.57
N ASN E 18 21.99 -15.15 4.39
CA ASN E 18 21.75 -14.24 3.30
C ASN E 18 22.88 -14.35 2.28
N GLU E 19 22.89 -13.42 1.32
CA GLU E 19 23.87 -13.45 0.23
C GLU E 19 25.29 -13.34 0.78
N GLN E 20 25.50 -12.47 1.77
CA GLN E 20 26.84 -12.29 2.29
C GLN E 20 27.30 -13.51 3.08
N ASP E 21 26.37 -14.16 3.79
CA ASP E 21 26.73 -15.37 4.53
C ASP E 21 27.17 -16.49 3.59
N ALA E 22 26.50 -16.62 2.44
CA ALA E 22 26.76 -17.71 1.51
C ALA E 22 28.13 -17.62 0.86
N GLN E 23 28.86 -16.52 1.04
CA GLN E 23 30.15 -16.33 0.41
C GLN E 23 31.31 -16.64 1.35
N ASP E 24 31.04 -17.04 2.58
CA ASP E 24 32.06 -17.36 3.57
C ASP E 24 32.42 -18.83 3.44
N LEU E 25 33.44 -19.13 2.62
CA LEU E 25 33.77 -20.52 2.34
C LEU E 25 34.30 -21.24 3.58
N ASP E 26 35.09 -20.54 4.40
CA ASP E 26 35.68 -21.20 5.57
C ASP E 26 34.61 -21.59 6.58
N THR E 27 33.64 -20.71 6.84
CA THR E 27 32.58 -21.04 7.78
C THR E 27 31.72 -22.19 7.28
N MET E 28 31.41 -22.20 5.98
CA MET E 28 30.63 -23.29 5.41
C MET E 28 31.33 -24.63 5.61
N GLN E 29 32.65 -24.66 5.43
CA GLN E 29 33.39 -25.90 5.65
C GLN E 29 33.45 -26.27 7.12
N ARG E 30 33.54 -25.27 8.01
CA ARG E 30 33.55 -25.54 9.45
C ARG E 30 32.24 -26.12 9.93
N LEU E 31 31.12 -25.77 9.30
CA LEU E 31 29.80 -26.27 9.67
C LEU E 31 29.46 -27.59 9.00
N ASN E 32 30.42 -28.21 8.28
CA ASN E 32 30.22 -29.50 7.61
C ASN E 32 29.06 -29.43 6.63
N ILE E 33 28.98 -28.32 5.90
CA ILE E 33 27.92 -28.11 4.91
C ILE E 33 28.34 -28.75 3.59
N GLY E 34 27.45 -29.54 3.02
CA GLY E 34 27.69 -30.17 1.74
C GLY E 34 26.63 -29.86 0.71
N TYR E 35 25.58 -29.14 1.12
CA TYR E 35 24.44 -28.85 0.26
C TYR E 35 24.08 -27.37 0.35
N VAL E 36 23.71 -26.78 -0.78
CA VAL E 36 23.36 -25.36 -0.84
C VAL E 36 22.09 -25.21 -1.66
N ILE E 37 21.11 -24.47 -1.12
CA ILE E 37 19.89 -24.09 -1.85
C ILE E 37 19.91 -22.58 -2.02
N ASN E 38 19.99 -22.13 -3.27
CA ASN E 38 20.01 -20.72 -3.62
C ASN E 38 18.60 -20.33 -4.08
N VAL E 39 17.93 -19.49 -3.31
CA VAL E 39 16.55 -19.13 -3.60
C VAL E 39 16.49 -17.77 -4.28
N THR E 40 17.28 -17.58 -5.34
CA THR E 40 17.24 -16.37 -6.14
C THR E 40 17.37 -16.73 -7.61
N THR E 41 16.95 -15.79 -8.47
CA THR E 41 17.14 -15.94 -9.91
C THR E 41 18.48 -15.43 -10.38
N HIS E 42 19.05 -14.42 -9.71
CA HIS E 42 20.14 -13.65 -10.27
C HIS E 42 21.49 -13.83 -9.58
N LEU E 43 21.52 -14.27 -8.34
CA LEU E 43 22.80 -14.48 -7.68
C LEU E 43 23.51 -15.70 -8.24
N PRO E 44 24.84 -15.69 -8.25
CA PRO E 44 25.58 -16.90 -8.66
C PRO E 44 25.49 -17.98 -7.60
N LEU E 45 25.80 -19.21 -8.02
CA LEU E 45 26.02 -20.31 -7.09
C LEU E 45 27.43 -20.17 -6.56
N TYR E 46 27.56 -19.59 -5.38
CA TYR E 46 28.88 -19.26 -4.85
C TYR E 46 29.71 -20.53 -4.65
N HIS E 47 30.98 -20.45 -5.06
CA HIS E 47 31.97 -21.52 -4.94
C HIS E 47 31.65 -22.73 -5.81
N TYR E 48 30.81 -22.56 -6.84
CA TYR E 48 30.40 -23.69 -7.66
C TYR E 48 31.59 -24.37 -8.32
N GLU E 49 32.52 -23.57 -8.86
CA GLU E 49 33.66 -24.13 -9.57
C GLU E 49 34.69 -24.77 -8.65
N LYS E 50 34.52 -24.63 -7.33
CA LYS E 50 35.41 -25.29 -6.38
C LYS E 50 35.08 -26.76 -6.21
N GLY E 51 33.93 -27.21 -6.72
CA GLY E 51 33.56 -28.61 -6.67
C GLY E 51 33.34 -29.19 -5.30
N LEU E 52 32.88 -28.37 -4.34
CA LEU E 52 32.74 -28.83 -2.97
C LEU E 52 31.31 -29.19 -2.57
N PHE E 53 30.30 -28.57 -3.18
CA PHE E 53 28.93 -28.71 -2.71
C PHE E 53 28.00 -29.14 -3.83
N ASN E 54 26.89 -29.75 -3.42
CA ASN E 54 25.76 -30.01 -4.31
C ASN E 54 24.81 -28.84 -4.23
N TYR E 55 24.41 -28.30 -5.38
CA TYR E 55 23.62 -27.08 -5.41
C TYR E 55 22.21 -27.34 -5.93
N LYS E 56 21.28 -26.52 -5.47
CA LYS E 56 19.94 -26.44 -6.03
C LYS E 56 19.51 -24.98 -6.04
N ARG E 57 19.03 -24.51 -7.19
CA ARG E 57 18.51 -23.16 -7.31
C ARG E 57 16.99 -23.20 -7.36
N LEU E 58 16.35 -22.46 -6.47
CA LEU E 58 14.92 -22.18 -6.57
C LEU E 58 14.77 -20.77 -7.10
N PRO E 59 14.60 -20.57 -8.41
CA PRO E 59 14.67 -19.22 -8.97
C PRO E 59 13.45 -18.38 -8.64
N ALA E 60 13.50 -17.69 -7.51
CA ALA E 60 12.36 -16.93 -7.00
C ALA E 60 12.77 -15.51 -6.68
N THR E 61 11.80 -14.59 -6.77
CA THR E 61 11.99 -13.20 -6.38
C THR E 61 11.21 -12.93 -5.10
N ASP E 62 11.57 -11.84 -4.42
CA ASP E 62 10.92 -11.46 -3.17
C ASP E 62 9.80 -10.46 -3.45
N SER E 63 8.75 -10.95 -4.10
CA SER E 63 7.61 -10.13 -4.51
C SER E 63 6.32 -10.68 -3.94
N ASN E 64 5.23 -9.93 -4.11
CA ASN E 64 3.92 -10.39 -3.63
C ASN E 64 3.25 -11.35 -4.60
N LYS E 65 3.92 -11.71 -5.70
CA LYS E 65 3.36 -12.63 -6.68
C LYS E 65 4.13 -13.93 -6.80
N GLN E 66 5.30 -14.04 -6.17
CA GLN E 66 6.12 -15.24 -6.30
C GLN E 66 5.46 -16.45 -5.64
N ASN E 67 5.46 -17.59 -6.35
CA ASN E 67 4.97 -18.85 -5.80
C ASN E 67 6.17 -19.62 -5.25
N LEU E 68 6.21 -19.77 -3.93
CA LEU E 68 7.23 -20.59 -3.29
C LEU E 68 6.73 -21.99 -2.92
N ARG E 69 5.42 -22.15 -2.69
CA ARG E 69 4.86 -23.45 -2.35
C ARG E 69 5.27 -24.51 -3.35
N GLN E 70 5.38 -24.14 -4.63
CA GLN E 70 5.74 -25.10 -5.67
C GLN E 70 7.09 -25.73 -5.42
N TYR E 71 7.98 -25.05 -4.70
CA TYR E 71 9.32 -25.56 -4.47
C TYR E 71 9.45 -26.33 -3.16
N PHE E 72 8.37 -26.41 -2.36
CA PHE E 72 8.49 -27.01 -1.04
C PHE E 72 8.99 -28.45 -1.13
N GLU E 73 8.25 -29.29 -1.87
CA GLU E 73 8.59 -30.71 -1.91
C GLU E 73 9.98 -30.91 -2.51
N GLU E 74 10.34 -30.11 -3.50
CA GLU E 74 11.67 -30.19 -4.08
C GLU E 74 12.74 -29.82 -3.06
N ALA E 75 12.49 -28.77 -2.28
CA ALA E 75 13.47 -28.38 -1.27
C ALA E 75 13.56 -29.39 -0.14
N PHE E 76 12.42 -29.98 0.24
CA PHE E 76 12.41 -30.95 1.33
C PHE E 76 13.22 -32.19 0.99
N GLU E 77 13.14 -32.67 -0.24
CA GLU E 77 13.93 -33.83 -0.61
C GLU E 77 15.42 -33.52 -0.54
N PHE E 78 15.81 -32.32 -0.97
CA PHE E 78 17.22 -31.91 -0.89
C PHE E 78 17.68 -31.82 0.55
N ILE E 79 16.84 -31.26 1.44
CA ILE E 79 17.21 -31.17 2.84
C ILE E 79 17.33 -32.56 3.45
N GLU E 80 16.36 -33.43 3.17
CA GLU E 80 16.40 -34.79 3.69
C GLU E 80 17.59 -35.58 3.16
N GLU E 81 18.01 -35.30 1.92
CA GLU E 81 19.19 -35.99 1.40
C GLU E 81 20.43 -35.61 2.21
N ALA E 82 20.59 -34.31 2.49
CA ALA E 82 21.68 -33.88 3.36
C ALA E 82 21.52 -34.45 4.76
N HIS E 83 20.28 -34.46 5.26
CA HIS E 83 20.01 -34.92 6.62
C HIS E 83 20.39 -36.39 6.79
N GLN E 84 20.06 -37.23 5.81
CA GLN E 84 20.25 -38.67 5.95
C GLN E 84 21.71 -39.11 5.82
N CYS E 85 22.54 -38.36 5.10
CA CYS E 85 23.95 -38.73 4.95
C CYS E 85 24.86 -37.92 5.85
N GLY E 86 24.32 -37.23 6.86
CA GLY E 86 25.13 -36.59 7.87
C GLY E 86 25.85 -35.32 7.46
N LYS E 87 25.38 -34.61 6.44
CA LYS E 87 25.99 -33.37 6.00
C LYS E 87 25.05 -32.19 6.27
N GLY E 88 25.65 -31.01 6.39
CA GLY E 88 24.86 -29.80 6.59
C GLY E 88 24.37 -29.21 5.27
N LEU E 89 23.23 -28.52 5.35
CA LEU E 89 22.66 -27.81 4.21
C LEU E 89 22.51 -26.34 4.55
N LEU E 90 22.94 -25.47 3.64
CA LEU E 90 22.73 -24.04 3.75
C LEU E 90 21.70 -23.61 2.72
N ILE E 91 20.67 -22.92 3.16
CA ILE E 91 19.69 -22.30 2.27
C ILE E 91 19.78 -20.79 2.49
N HIS E 92 19.88 -20.05 1.38
CA HIS E 92 20.08 -18.62 1.48
C HIS E 92 19.34 -17.92 0.35
N CYS E 93 19.05 -16.64 0.56
CA CYS E 93 18.60 -15.76 -0.51
C CYS E 93 19.32 -14.43 -0.36
N GLN E 94 18.63 -13.39 0.07
CA GLN E 94 19.21 -12.07 0.19
C GLN E 94 18.95 -11.50 1.58
N ALA E 95 19.10 -10.17 1.69
CA ALA E 95 19.26 -9.49 2.97
C ALA E 95 18.17 -9.83 3.98
N GLY E 96 16.91 -9.69 3.60
CA GLY E 96 15.87 -9.94 4.58
C GLY E 96 15.56 -11.40 4.86
N VAL E 97 16.25 -12.32 4.19
CA VAL E 97 16.04 -13.78 4.20
C VAL E 97 14.57 -14.17 4.19
N SER E 98 13.72 -13.36 3.54
CA SER E 98 12.29 -13.69 3.47
C SER E 98 12.05 -15.00 2.73
N ARG E 99 12.67 -15.15 1.55
CA ARG E 99 12.42 -16.33 0.73
C ARG E 99 12.93 -17.60 1.41
N SER E 100 14.19 -17.58 1.88
CA SER E 100 14.76 -18.79 2.45
C SER E 100 14.10 -19.14 3.78
N ALA E 101 13.74 -18.13 4.58
CA ALA E 101 13.06 -18.42 5.84
C ALA E 101 11.70 -19.05 5.60
N THR E 102 11.04 -18.69 4.50
CA THR E 102 9.76 -19.33 4.17
C THR E 102 9.95 -20.82 3.94
N ILE E 103 11.00 -21.21 3.20
CA ILE E 103 11.26 -22.62 2.96
C ILE E 103 11.63 -23.32 4.26
N VAL E 104 12.44 -22.67 5.10
CA VAL E 104 12.86 -23.28 6.37
C VAL E 104 11.66 -23.54 7.26
N ILE E 105 10.79 -22.54 7.42
CA ILE E 105 9.60 -22.71 8.26
C ILE E 105 8.73 -23.83 7.73
N ALA E 106 8.53 -23.88 6.41
CA ALA E 106 7.72 -24.94 5.81
C ALA E 106 8.30 -26.31 6.10
N TYR E 107 9.62 -26.44 6.09
CA TYR E 107 10.24 -27.71 6.44
C TYR E 107 9.97 -28.06 7.90
N LEU E 108 10.09 -27.07 8.80
CA LEU E 108 9.82 -27.31 10.21
C LEU E 108 8.37 -27.72 10.43
N MET E 109 7.44 -27.15 9.65
CA MET E 109 6.05 -27.53 9.78
C MET E 109 5.82 -28.96 9.31
N LYS E 110 6.43 -29.35 8.19
CA LYS E 110 6.13 -30.65 7.63
C LYS E 110 6.91 -31.77 8.34
N HIS E 111 8.18 -31.54 8.66
CA HIS E 111 9.02 -32.63 9.17
C HIS E 111 9.13 -32.67 10.69
N THR E 112 8.88 -31.57 11.40
CA THR E 112 8.85 -31.61 12.85
C THR E 112 7.44 -31.42 13.43
N ARG E 113 6.41 -31.28 12.60
CA ARG E 113 5.02 -31.14 13.05
C ARG E 113 4.81 -29.92 13.93
N MET E 114 5.60 -28.87 13.71
CA MET E 114 5.32 -27.62 14.39
C MET E 114 4.19 -26.87 13.69
N THR E 115 3.42 -26.13 14.47
CA THR E 115 2.47 -25.23 13.85
C THR E 115 3.24 -24.11 13.14
N MET E 116 2.55 -23.45 12.21
CA MET E 116 3.17 -22.36 11.46
C MET E 116 3.70 -21.28 12.40
N THR E 117 2.91 -20.90 13.41
CA THR E 117 3.30 -19.87 14.35
C THR E 117 4.52 -20.30 15.16
N ASP E 118 4.50 -21.53 15.69
CA ASP E 118 5.63 -22.01 16.50
C ASP E 118 6.88 -22.16 15.65
N ALA E 119 6.74 -22.56 14.39
CA ALA E 119 7.89 -22.66 13.51
C ALA E 119 8.51 -21.29 13.25
N TYR E 120 7.66 -20.26 13.07
CA TYR E 120 8.16 -18.91 12.89
C TYR E 120 8.85 -18.40 14.15
N LYS E 121 8.22 -18.61 15.31
CA LYS E 121 8.86 -18.20 16.57
C LYS E 121 10.16 -18.96 16.79
N PHE E 122 10.22 -20.22 16.36
CA PHE E 122 11.47 -20.98 16.46
C PHE E 122 12.57 -20.36 15.61
N VAL E 123 12.25 -20.02 14.36
CA VAL E 123 13.25 -19.45 13.47
C VAL E 123 13.61 -18.03 13.90
N LYS E 124 12.60 -17.23 14.26
CA LYS E 124 12.83 -15.86 14.68
C LYS E 124 13.72 -15.79 15.92
N GLY E 125 13.63 -16.79 16.80
CA GLY E 125 14.47 -16.81 17.98
C GLY E 125 15.94 -17.03 17.67
N LYS E 126 16.25 -17.81 16.64
CA LYS E 126 17.63 -18.09 16.26
C LYS E 126 18.21 -17.06 15.32
N ARG E 127 17.39 -16.50 14.42
CA ARG E 127 17.80 -15.43 13.52
C ARG E 127 16.85 -14.26 13.73
N PRO E 128 17.23 -13.26 14.52
CA PRO E 128 16.26 -12.23 14.92
C PRO E 128 15.76 -11.34 13.79
N ILE E 129 16.52 -11.17 12.71
CA ILE E 129 16.15 -10.28 11.63
C ILE E 129 15.55 -11.10 10.50
N ILE E 130 14.22 -11.04 10.34
CA ILE E 130 13.51 -11.69 9.25
C ILE E 130 12.48 -10.71 8.70
N SER E 131 12.60 -10.37 7.41
CA SER E 131 11.72 -9.38 6.80
C SER E 131 10.36 -10.00 6.46
N PRO E 132 9.27 -9.26 6.67
CA PRO E 132 7.95 -9.81 6.40
C PRO E 132 7.62 -9.82 4.91
N ASN E 133 6.84 -10.84 4.53
CA ASN E 133 6.29 -10.97 3.17
C ASN E 133 4.90 -11.56 3.32
N LEU E 134 3.87 -10.71 3.17
CA LEU E 134 2.50 -11.16 3.36
C LEU E 134 2.12 -12.26 2.37
N ASN E 135 2.65 -12.20 1.16
CA ASN E 135 2.39 -13.26 0.19
C ASN E 135 2.95 -14.59 0.66
N PHE E 136 4.19 -14.59 1.17
CA PHE E 136 4.78 -15.83 1.65
C PHE E 136 4.08 -16.32 2.91
N MET E 137 3.65 -15.39 3.77
CA MET E 137 2.86 -15.78 4.93
C MET E 137 1.59 -16.49 4.52
N GLY E 138 0.89 -15.97 3.50
CA GLY E 138 -0.33 -16.60 3.04
C GLY E 138 -0.11 -18.01 2.52
N GLN E 139 1.02 -18.25 1.85
CA GLN E 139 1.30 -19.58 1.34
C GLN E 139 1.59 -20.55 2.46
N LEU E 140 2.30 -20.09 3.50
CA LEU E 140 2.54 -20.93 4.66
C LEU E 140 1.24 -21.26 5.39
N LEU E 141 0.28 -20.34 5.40
CA LEU E 141 -0.98 -20.57 6.09
C LEU E 141 -1.80 -21.66 5.39
N GLU E 142 -1.89 -21.60 4.05
CA GLU E 142 -2.57 -22.67 3.34
C GLU E 142 -1.79 -23.98 3.42
N PHE E 143 -0.45 -23.90 3.49
CA PHE E 143 0.33 -25.11 3.67
C PHE E 143 0.03 -25.77 5.01
N GLU E 144 -0.20 -24.96 6.05
CA GLU E 144 -0.59 -25.51 7.34
C GLU E 144 -1.93 -26.23 7.25
N GLU E 145 -2.89 -25.66 6.52
CA GLU E 145 -4.18 -26.31 6.36
C GLU E 145 -4.05 -27.62 5.59
N ASP E 146 -3.22 -27.64 4.55
CA ASP E 146 -3.06 -28.87 3.77
C ASP E 146 -2.41 -29.96 4.60
N LEU E 147 -1.48 -29.61 5.49
CA LEU E 147 -0.88 -30.59 6.39
C LEU E 147 -1.92 -31.14 7.36
N ASN E 148 -2.76 -30.26 7.92
CA ASN E 148 -3.78 -30.71 8.85
C ASN E 148 -4.81 -31.61 8.16
N ASN E 149 -5.05 -31.38 6.87
CA ASN E 149 -5.95 -32.21 6.07
C ASN E 149 -5.25 -33.37 5.39
N GLY E 150 -4.00 -33.66 5.75
CA GLY E 150 -3.20 -34.67 5.08
C GLY E 150 -3.22 -34.58 3.57
N VAL E 151 -2.40 -33.71 3.00
CA VAL E 151 -2.26 -33.59 1.56
C VAL E 151 -0.80 -33.37 1.18
N ALA F 5 -23.00 30.06 9.54
CA ALA F 5 -21.68 29.60 9.96
C ALA F 5 -20.86 30.78 10.50
N GLU F 6 -20.63 30.78 11.81
CA GLU F 6 -20.09 31.94 12.51
C GLU F 6 -19.05 31.48 13.54
N LEU F 7 -17.79 31.46 13.12
CA LEU F 7 -16.67 31.12 13.99
C LEU F 7 -16.24 32.39 14.71
N THR F 8 -16.67 32.55 15.95
CA THR F 8 -16.47 33.78 16.70
C THR F 8 -15.01 33.96 17.09
N PRO F 9 -14.35 35.03 16.65
CA PRO F 9 -12.96 35.28 17.09
C PRO F 9 -12.89 35.90 18.48
N ILE F 10 -12.61 35.08 19.49
CA ILE F 10 -12.40 35.59 20.83
C ILE F 10 -11.11 36.40 20.90
N LEU F 11 -10.02 35.81 20.40
CA LEU F 11 -8.74 36.45 20.17
C LEU F 11 -8.35 36.23 18.72
N PRO F 12 -7.39 36.99 18.20
CA PRO F 12 -6.98 36.80 16.80
C PRO F 12 -6.56 35.38 16.46
N PHE F 13 -6.19 34.58 17.46
CA PHE F 13 -5.77 33.20 17.24
C PHE F 13 -6.69 32.17 17.89
N LEU F 14 -7.72 32.59 18.61
CA LEU F 14 -8.60 31.68 19.35
C LEU F 14 -10.04 31.88 18.88
N PHE F 15 -10.68 30.80 18.45
CA PHE F 15 -12.02 30.86 17.88
C PHE F 15 -12.96 29.91 18.61
N LEU F 16 -14.21 30.34 18.72
CA LEU F 16 -15.26 29.60 19.42
C LEU F 16 -16.41 29.33 18.45
N GLY F 17 -16.94 28.11 18.49
CA GLY F 17 -18.04 27.76 17.62
C GLY F 17 -18.78 26.54 18.15
N ASN F 18 -19.84 26.18 17.43
CA ASN F 18 -20.60 24.98 17.75
C ASN F 18 -20.39 23.92 16.67
N GLU F 19 -21.21 22.87 16.71
CA GLU F 19 -21.06 21.75 15.80
C GLU F 19 -21.16 22.17 14.35
N GLN F 20 -22.13 23.02 14.02
CA GLN F 20 -22.28 23.45 12.63
C GLN F 20 -21.14 24.36 12.20
N ASP F 21 -20.64 25.20 13.10
CA ASP F 21 -19.52 26.07 12.76
C ASP F 21 -18.28 25.27 12.41
N ALA F 22 -18.04 24.18 13.15
CA ALA F 22 -16.85 23.36 12.96
C ALA F 22 -16.84 22.65 11.62
N GLN F 23 -17.94 22.67 10.88
CA GLN F 23 -18.06 21.99 9.60
C GLN F 23 -17.83 22.90 8.41
N ASP F 24 -17.57 24.19 8.63
CA ASP F 24 -17.33 25.14 7.55
C ASP F 24 -15.83 25.14 7.23
N LEU F 25 -15.45 24.33 6.26
CA LEU F 25 -14.05 24.17 5.92
C LEU F 25 -13.47 25.45 5.33
N ASP F 26 -14.25 26.15 4.49
CA ASP F 26 -13.73 27.34 3.84
C ASP F 26 -13.44 28.46 4.83
N THR F 27 -14.35 28.70 5.79
CA THR F 27 -14.13 29.76 6.75
C THR F 27 -12.91 29.46 7.63
N MET F 28 -12.74 28.21 8.03
CA MET F 28 -11.58 27.86 8.84
C MET F 28 -10.28 28.12 8.09
N GLN F 29 -10.26 27.84 6.78
CA GLN F 29 -9.07 28.07 5.98
C GLN F 29 -8.82 29.57 5.78
N ARG F 30 -9.88 30.36 5.62
CA ARG F 30 -9.70 31.80 5.48
C ARG F 30 -9.15 32.42 6.75
N LEU F 31 -9.51 31.86 7.90
CA LEU F 31 -9.06 32.37 9.20
C LEU F 31 -7.73 31.77 9.63
N ASN F 32 -7.09 30.96 8.78
CA ASN F 32 -5.79 30.37 9.07
C ASN F 32 -5.81 29.53 10.35
N ILE F 33 -6.86 28.76 10.51
CA ILE F 33 -6.98 27.86 11.66
C ILE F 33 -6.27 26.56 11.34
N GLY F 34 -5.40 26.12 12.24
CA GLY F 34 -4.69 24.88 12.05
C GLY F 34 -4.89 23.89 13.19
N TYR F 35 -5.62 24.31 14.22
CA TYR F 35 -5.83 23.50 15.41
C TYR F 35 -7.31 23.48 15.77
N VAL F 36 -7.80 22.31 16.18
CA VAL F 36 -9.20 22.12 16.54
C VAL F 36 -9.29 21.34 17.85
N ILE F 37 -10.08 21.86 18.79
CA ILE F 37 -10.40 21.15 20.03
C ILE F 37 -11.88 20.80 20.00
N ASN F 38 -12.18 19.50 19.98
CA ASN F 38 -13.54 18.99 19.99
C ASN F 38 -13.86 18.58 21.43
N VAL F 39 -14.79 19.29 22.06
CA VAL F 39 -15.10 19.05 23.47
C VAL F 39 -16.36 18.19 23.60
N THR F 40 -16.40 17.08 22.88
CA THR F 40 -17.49 16.13 22.99
C THR F 40 -16.93 14.71 22.95
N THR F 41 -17.73 13.76 23.43
CA THR F 41 -17.38 12.35 23.29
C THR F 41 -17.83 11.78 21.95
N HIS F 42 -18.92 12.32 21.38
CA HIS F 42 -19.62 11.67 20.30
C HIS F 42 -19.53 12.35 18.93
N LEU F 43 -19.18 13.64 18.87
CA LEU F 43 -19.07 14.28 17.59
C LEU F 43 -17.82 13.80 16.85
N PRO F 44 -17.86 13.72 15.53
CA PRO F 44 -16.65 13.38 14.78
C PRO F 44 -15.67 14.53 14.81
N LEU F 45 -14.41 14.20 14.51
CA LEU F 45 -13.39 15.22 14.24
C LEU F 45 -13.55 15.64 12.79
N TYR F 46 -14.23 16.76 12.58
CA TYR F 46 -14.58 17.16 11.22
C TYR F 46 -13.33 17.44 10.38
N HIS F 47 -13.35 16.96 9.14
CA HIS F 47 -12.27 17.14 8.16
C HIS F 47 -10.98 16.46 8.56
N TYR F 48 -11.06 15.50 9.49
CA TYR F 48 -9.85 14.83 9.97
C TYR F 48 -9.09 14.16 8.84
N GLU F 49 -9.81 13.49 7.92
CA GLU F 49 -9.18 12.76 6.83
C GLU F 49 -8.64 13.65 5.72
N LYS F 50 -8.89 14.96 5.75
CA LYS F 50 -8.32 15.86 4.75
C LYS F 50 -6.87 16.22 5.06
N GLY F 51 -6.38 15.87 6.25
CA GLY F 51 -4.98 16.11 6.58
C GLY F 51 -4.61 17.57 6.71
N LEU F 52 -5.54 18.42 7.12
CA LEU F 52 -5.31 19.85 7.21
C LEU F 52 -5.05 20.37 8.61
N PHE F 53 -5.61 19.73 9.64
CA PHE F 53 -5.59 20.30 10.98
C PHE F 53 -5.03 19.32 12.01
N ASN F 54 -4.54 19.90 13.10
CA ASN F 54 -4.19 19.15 14.30
C ASN F 54 -5.40 19.12 15.23
N TYR F 55 -5.74 17.93 15.72
CA TYR F 55 -6.94 17.74 16.50
C TYR F 55 -6.62 17.33 17.93
N LYS F 56 -7.50 17.73 18.85
CA LYS F 56 -7.50 17.26 20.22
C LYS F 56 -8.95 17.09 20.66
N ARG F 57 -9.28 15.94 21.21
CA ARG F 57 -10.62 15.70 21.74
C ARG F 57 -10.57 15.73 23.26
N LEU F 58 -11.42 16.57 23.86
CA LEU F 58 -11.66 16.53 25.29
C LEU F 58 -13.01 15.83 25.49
N PRO F 59 -13.03 14.53 25.78
CA PRO F 59 -14.30 13.78 25.78
C PRO F 59 -15.19 14.12 26.97
N ALA F 60 -16.02 15.14 26.81
CA ALA F 60 -16.87 15.62 27.90
C ALA F 60 -18.32 15.69 27.45
N THR F 61 -19.22 15.52 28.41
CA THR F 61 -20.66 15.69 28.20
C THR F 61 -21.11 16.96 28.89
N ASP F 62 -22.28 17.46 28.46
CA ASP F 62 -22.84 18.70 29.01
C ASP F 62 -23.81 18.37 30.15
N SER F 63 -23.23 17.90 31.26
CA SER F 63 -23.99 17.43 32.41
C SER F 63 -23.61 18.21 33.67
N ASN F 64 -24.36 17.95 34.74
CA ASN F 64 -24.12 18.60 36.03
C ASN F 64 -23.01 17.95 36.84
N LYS F 65 -22.41 16.87 36.36
CA LYS F 65 -21.31 16.23 37.05
C LYS F 65 -20.01 16.21 36.27
N GLN F 66 -20.03 16.64 35.00
CA GLN F 66 -18.84 16.57 34.18
C GLN F 66 -17.75 17.48 34.73
N ASN F 67 -16.53 16.95 34.82
CA ASN F 67 -15.37 17.72 35.25
C ASN F 67 -14.66 18.24 34.00
N LEU F 68 -14.68 19.56 33.83
CA LEU F 68 -13.91 20.20 32.76
C LEU F 68 -12.60 20.77 33.24
N ARG F 69 -12.48 21.09 34.53
CA ARG F 69 -11.24 21.59 35.09
C ARG F 69 -10.07 20.65 34.77
N GLN F 70 -10.32 19.34 34.73
CA GLN F 70 -9.25 18.39 34.45
C GLN F 70 -8.64 18.62 33.07
N TYR F 71 -9.40 19.19 32.13
CA TYR F 71 -8.93 19.40 30.78
C TYR F 71 -8.36 20.79 30.55
N PHE F 72 -8.40 21.66 31.56
CA PHE F 72 -8.00 23.06 31.37
C PHE F 72 -6.54 23.16 30.93
N GLU F 73 -5.63 22.59 31.73
CA GLU F 73 -4.21 22.76 31.46
C GLU F 73 -3.82 22.11 30.13
N GLU F 74 -4.43 20.98 29.80
CA GLU F 74 -4.18 20.32 28.52
C GLU F 74 -4.63 21.18 27.36
N ALA F 75 -5.78 21.84 27.50
CA ALA F 75 -6.28 22.69 26.43
C ALA F 75 -5.43 23.95 26.27
N PHE F 76 -4.90 24.48 27.37
CA PHE F 76 -4.10 25.69 27.30
C PHE F 76 -2.81 25.44 26.52
N GLU F 77 -2.20 24.28 26.71
CA GLU F 77 -0.97 23.96 25.99
C GLU F 77 -1.22 23.87 24.49
N PHE F 78 -2.35 23.27 24.10
CA PHE F 78 -2.69 23.17 22.68
C PHE F 78 -2.94 24.55 22.08
N ILE F 79 -3.61 25.43 22.83
CA ILE F 79 -3.82 26.80 22.36
C ILE F 79 -2.49 27.52 22.20
N GLU F 80 -1.61 27.36 23.19
CA GLU F 80 -0.31 28.02 23.11
C GLU F 80 0.53 27.49 21.96
N GLU F 81 0.40 26.19 21.65
CA GLU F 81 1.12 25.64 20.51
C GLU F 81 0.64 26.26 19.21
N ALA F 82 -0.69 26.44 19.07
CA ALA F 82 -1.22 27.14 17.90
C ALA F 82 -0.73 28.58 17.86
N HIS F 83 -0.74 29.25 19.01
CA HIS F 83 -0.28 30.63 19.09
C HIS F 83 1.20 30.73 18.74
N GLN F 84 1.99 29.75 19.15
CA GLN F 84 3.44 29.83 19.01
C GLN F 84 3.89 29.71 17.56
N CYS F 85 3.13 28.98 16.73
CA CYS F 85 3.49 28.81 15.33
C CYS F 85 2.63 29.65 14.40
N GLY F 86 1.90 30.63 14.92
CA GLY F 86 1.16 31.56 14.08
C GLY F 86 -0.11 31.04 13.46
N LYS F 87 -0.74 30.01 14.03
CA LYS F 87 -1.98 29.46 13.51
C LYS F 87 -3.13 29.70 14.49
N GLY F 88 -4.34 29.76 13.95
CA GLY F 88 -5.52 29.89 14.77
C GLY F 88 -6.02 28.55 15.27
N LEU F 89 -6.66 28.56 16.43
CA LEU F 89 -7.24 27.37 17.02
C LEU F 89 -8.74 27.59 17.16
N LEU F 90 -9.52 26.60 16.75
CA LEU F 90 -10.96 26.61 16.96
C LEU F 90 -11.31 25.60 18.03
N ILE F 91 -12.06 26.03 19.03
CA ILE F 91 -12.60 25.11 20.03
C ILE F 91 -14.12 25.16 19.94
N HIS F 92 -14.73 23.99 19.87
CA HIS F 92 -16.16 23.88 19.62
C HIS F 92 -16.73 22.73 20.44
N CYS F 93 -18.04 22.80 20.66
CA CYS F 93 -18.80 21.64 21.12
C CYS F 93 -20.12 21.58 20.36
N GLN F 94 -21.24 21.90 21.00
CA GLN F 94 -22.54 21.82 20.34
C GLN F 94 -23.27 23.15 20.50
N ALA F 95 -24.59 23.13 20.29
CA ALA F 95 -25.36 24.34 20.02
C ALA F 95 -25.13 25.43 21.06
N GLY F 96 -25.29 25.11 22.34
CA GLY F 96 -25.17 26.13 23.36
C GLY F 96 -23.77 26.58 23.72
N VAL F 97 -22.73 26.03 23.08
CA VAL F 97 -21.32 26.23 23.35
C VAL F 97 -20.98 26.29 24.84
N SER F 98 -21.74 25.57 25.68
CA SER F 98 -21.48 25.57 27.12
C SER F 98 -20.10 24.99 27.43
N ARG F 99 -19.78 23.84 26.86
CA ARG F 99 -18.50 23.19 27.18
C ARG F 99 -17.33 24.01 26.65
N SER F 100 -17.39 24.41 25.39
CA SER F 100 -16.26 25.11 24.79
C SER F 100 -16.10 26.51 25.36
N ALA F 101 -17.21 27.20 25.67
CA ALA F 101 -17.08 28.53 26.26
C ALA F 101 -16.45 28.46 27.63
N THR F 102 -16.67 27.38 28.37
CA THR F 102 -16.00 27.21 29.66
C THR F 102 -14.49 27.15 29.48
N ILE F 103 -14.00 26.39 28.49
CA ILE F 103 -12.56 26.30 28.26
C ILE F 103 -12.00 27.66 27.83
N VAL F 104 -12.73 28.38 26.98
CA VAL F 104 -12.26 29.70 26.54
C VAL F 104 -12.19 30.65 27.72
N ILE F 105 -13.27 30.71 28.52
CA ILE F 105 -13.30 31.63 29.66
C ILE F 105 -12.17 31.31 30.62
N ALA F 106 -11.94 30.02 30.89
CA ALA F 106 -10.83 29.65 31.77
C ALA F 106 -9.50 30.12 31.20
N TYR F 107 -9.34 30.05 29.87
CA TYR F 107 -8.10 30.54 29.26
C TYR F 107 -7.95 32.04 29.40
N LEU F 108 -9.04 32.79 29.18
CA LEU F 108 -8.97 34.24 29.35
C LEU F 108 -8.65 34.61 30.79
N MET F 109 -9.13 33.82 31.75
CA MET F 109 -8.80 34.05 33.14
C MET F 109 -7.32 33.79 33.40
N LYS F 110 -6.76 32.74 32.80
CA LYS F 110 -5.38 32.39 33.13
C LYS F 110 -4.38 33.27 32.39
N HIS F 111 -4.55 33.49 31.10
CA HIS F 111 -3.50 34.12 30.32
C HIS F 111 -3.68 35.63 30.12
N THR F 112 -4.90 36.14 30.26
CA THR F 112 -5.13 37.58 30.25
C THR F 112 -5.48 38.13 31.62
N ARG F 113 -5.58 37.27 32.64
CA ARG F 113 -5.72 37.71 34.03
C ARG F 113 -7.01 38.51 34.26
N MET F 114 -8.05 38.19 33.49
CA MET F 114 -9.39 38.72 33.73
C MET F 114 -10.07 37.95 34.85
N THR F 115 -10.96 38.62 35.56
CA THR F 115 -11.82 37.90 36.49
C THR F 115 -12.81 37.04 35.72
N MET F 116 -13.39 36.05 36.41
CA MET F 116 -14.37 35.19 35.78
C MET F 116 -15.52 35.99 35.19
N THR F 117 -16.02 36.98 35.95
CA THR F 117 -17.12 37.81 35.47
C THR F 117 -16.72 38.60 34.22
N ASP F 118 -15.55 39.24 34.26
CA ASP F 118 -15.10 40.01 33.10
C ASP F 118 -14.84 39.10 31.91
N ALA F 119 -14.32 37.90 32.16
CA ALA F 119 -14.08 36.95 31.08
C ALA F 119 -15.39 36.50 30.45
N TYR F 120 -16.41 36.22 31.27
CA TYR F 120 -17.71 35.83 30.73
C TYR F 120 -18.33 36.96 29.92
N LYS F 121 -18.29 38.18 30.46
CA LYS F 121 -18.83 39.32 29.71
C LYS F 121 -18.10 39.52 28.40
N PHE F 122 -16.80 39.22 28.36
CA PHE F 122 -16.04 39.34 27.13
C PHE F 122 -16.54 38.35 26.08
N VAL F 123 -16.70 37.09 26.46
CA VAL F 123 -17.14 36.07 25.51
C VAL F 123 -18.60 36.28 25.13
N LYS F 124 -19.45 36.61 26.11
CA LYS F 124 -20.86 36.84 25.84
C LYS F 124 -21.06 38.00 24.87
N GLY F 125 -20.19 39.01 24.93
CA GLY F 125 -20.31 40.13 24.01
C GLY F 125 -20.01 39.77 22.57
N LYS F 126 -19.09 38.83 22.35
CA LYS F 126 -18.75 38.43 20.99
C LYS F 126 -19.64 37.31 20.46
N ARG F 127 -20.08 36.40 21.33
CA ARG F 127 -21.00 35.33 20.95
C ARG F 127 -22.23 35.41 21.85
N PRO F 128 -23.32 36.02 21.40
CA PRO F 128 -24.43 36.32 22.32
C PRO F 128 -25.16 35.10 22.85
N ILE F 129 -25.17 33.98 22.14
CA ILE F 129 -25.92 32.79 22.55
C ILE F 129 -24.97 31.84 23.26
N ILE F 130 -25.09 31.76 24.58
CA ILE F 130 -24.30 30.83 25.40
C ILE F 130 -25.25 30.17 26.39
N SER F 131 -25.37 28.84 26.33
CA SER F 131 -26.27 28.15 27.24
C SER F 131 -25.64 28.00 28.62
N PRO F 132 -26.42 28.17 29.68
CA PRO F 132 -25.86 28.09 31.03
C PRO F 132 -25.62 26.66 31.48
N ASN F 133 -24.60 26.50 32.32
CA ASN F 133 -24.32 25.24 32.99
C ASN F 133 -23.83 25.57 34.39
N LEU F 134 -24.69 25.36 35.38
CA LEU F 134 -24.35 25.73 36.75
C LEU F 134 -23.13 24.95 37.26
N ASN F 135 -22.97 23.71 36.81
CA ASN F 135 -21.79 22.94 37.19
C ASN F 135 -20.52 23.57 36.64
N PHE F 136 -20.53 24.02 35.38
CA PHE F 136 -19.33 24.63 34.81
C PHE F 136 -19.05 25.98 35.44
N MET F 137 -20.10 26.76 35.75
CA MET F 137 -19.89 28.02 36.46
C MET F 137 -19.17 27.79 37.77
N GLY F 138 -19.56 26.76 38.52
CA GLY F 138 -18.89 26.47 39.79
C GLY F 138 -17.43 26.13 39.61
N GLN F 139 -17.10 25.40 38.54
CA GLN F 139 -15.69 25.04 38.32
C GLN F 139 -14.87 26.27 37.94
N LEU F 140 -15.43 27.15 37.11
CA LEU F 140 -14.75 28.39 36.78
C LEU F 140 -14.58 29.26 38.01
N LEU F 141 -15.54 29.20 38.93
CA LEU F 141 -15.47 29.96 40.17
C LEU F 141 -14.35 29.44 41.07
N GLU F 142 -14.23 28.12 41.19
CA GLU F 142 -13.13 27.54 41.95
C GLU F 142 -11.79 27.78 41.26
N PHE F 143 -11.77 27.79 39.93
CA PHE F 143 -10.54 28.07 39.20
C PHE F 143 -10.05 29.49 39.48
N GLU F 144 -10.98 30.44 39.63
CA GLU F 144 -10.63 31.80 39.99
C GLU F 144 -9.96 31.87 41.35
N GLU F 145 -10.45 31.07 42.31
CA GLU F 145 -9.82 31.03 43.63
C GLU F 145 -8.38 30.54 43.54
N ASP F 146 -8.14 29.49 42.75
CA ASP F 146 -6.79 28.96 42.62
C ASP F 146 -5.86 29.95 41.93
N LEU F 147 -6.39 30.71 40.98
CA LEU F 147 -5.60 31.75 40.33
C LEU F 147 -5.23 32.86 41.30
N ASN F 148 -6.20 33.31 42.11
CA ASN F 148 -5.93 34.37 43.08
C ASN F 148 -4.99 33.92 44.19
N ASN F 149 -5.03 32.65 44.57
CA ASN F 149 -4.12 32.12 45.58
C ASN F 149 -2.82 31.61 44.99
N GLY F 150 -2.51 31.99 43.76
CA GLY F 150 -1.37 31.40 43.05
C GLY F 150 -1.32 29.89 43.14
N VAL F 151 -2.48 29.24 43.07
CA VAL F 151 -2.47 27.78 43.07
C VAL F 151 -2.26 27.25 41.66
N THR F 152 -2.63 28.04 40.64
CA THR F 152 -2.36 27.70 39.25
C THR F 152 -2.14 28.97 38.43
C13 NUN G . 20.18 17.30 5.48
C15 NUN G . 19.51 14.69 5.45
C17 NUN G . 18.83 12.31 5.35
C20 NUN G . 18.55 14.99 4.47
C21 NUN G . 18.34 16.36 3.97
C01 NUN G . 11.81 15.00 0.19
C02 NUN G . 13.11 14.51 0.86
C03 NUN G . 12.78 13.66 2.11
C04 NUN G . 13.91 13.68 -0.13
C05 NUN G . 13.95 15.68 1.32
C07 NUN G . 15.17 16.23 0.58
C09 NUN G . 17.11 17.76 2.49
C11 NUN G . 18.79 18.75 3.84
C12 NUN G . 19.09 17.46 4.42
C14 NUN G . 20.40 15.82 6.02
C16 NUN G . 19.65 13.34 5.89
C18 NUN G . 17.85 12.62 4.37
C19 NUN G . 17.72 13.96 3.93
N10 NUN G . 17.81 18.86 2.89
N22 NUN G . 17.36 16.51 3.01
O06 NUN G . 13.62 16.25 2.40
S08 NUN G . 15.81 17.90 1.21
S1 DTT H . 5.16 23.25 0.88
C1 DTT H . 6.09 21.96 1.73
C2 DTT H . 5.81 21.97 3.23
O2 DTT H . 5.85 23.32 3.67
C3 DTT H . 6.82 21.13 4.02
O3 DTT H . 8.09 21.73 3.98
C4 DTT H . 6.40 20.95 5.48
S4 DTT H . 7.75 20.28 6.47
C13 NUN I . -32.96 2.01 -21.04
C15 NUN I . -32.32 1.58 -18.50
C17 NUN I . -31.93 1.61 -16.06
C20 NUN I . -31.25 2.45 -18.67
C21 NUN I . -30.83 2.92 -20.00
C01 NUN I . -23.98 4.91 -17.53
C02 NUN I . -25.52 4.78 -17.39
C03 NUN I . -25.85 3.62 -16.42
C04 NUN I . -26.08 6.12 -16.83
C05 NUN I . -26.18 4.49 -18.76
C07 NUN I . -27.04 5.48 -19.56
C09 NUN I . -29.20 4.05 -21.29
C11 NUN I . -31.13 3.24 -22.40
C12 NUN I . -31.63 2.73 -21.14
C14 NUN I . -33.11 1.10 -19.74
C16 NUN I . -32.67 1.15 -17.19
C18 NUN I . -30.84 2.48 -16.23
C19 NUN I . -30.49 2.91 -17.54
N10 NUN I . -29.91 3.89 -22.43
N22 NUN I . -29.63 3.59 -20.07
O06 NUN I . -25.99 3.34 -19.25
S08 NUN I . -27.59 4.91 -21.31
S1 DTT J . -16.34 2.39 -23.71
C1 DTT J . -16.72 0.77 -22.99
C2 DTT J . -17.99 0.13 -23.53
O2 DTT J . -18.98 1.13 -23.68
C3 DTT J . -18.51 -0.96 -22.59
O3 DTT J . -18.44 -0.49 -21.26
C4 DTT J . -19.94 -1.36 -22.89
S4 DTT J . -20.59 -2.39 -21.55
C13 NUN K . 32.76 -31.58 -37.26
C15 NUN K . 30.05 -31.45 -37.25
C17 NUN K . 27.59 -31.15 -37.25
C20 NUN K . 30.14 -30.65 -36.11
C21 NUN K . 31.43 -30.34 -35.46
C01 NUN K . 28.50 -27.21 -29.02
C02 NUN K . 28.38 -28.01 -30.32
C03 NUN K . 27.55 -29.30 -30.06
C04 NUN K . 27.68 -27.14 -31.38
C05 NUN K . 29.74 -28.44 -30.84
C07 NUN K . 30.64 -27.61 -31.77
C09 NUN K . 32.53 -29.27 -33.63
C11 NUN K . 33.86 -30.39 -35.25
C12 NUN K . 32.67 -30.75 -35.97
C14 NUN K . 31.34 -32.05 -37.86
C16 NUN K . 28.77 -31.71 -37.83
C18 NUN K . 27.68 -30.35 -36.11
C19 NUN K . 28.95 -30.09 -35.53
N10 NUN K . 33.76 -29.65 -34.09
N22 NUN K . 31.37 -29.60 -34.28
O06 NUN K . 30.17 -29.57 -30.48
S08 NUN K . 32.38 -28.27 -32.08
S1 DTT L . 31.41 -35.32 -24.67
C1 DTT L . 31.93 -34.64 -23.06
C2 DTT L . 31.86 -33.12 -23.03
O2 DTT L . 32.44 -32.57 -24.20
C3 DTT L . 32.55 -32.53 -21.79
O3 DTT L . 33.69 -33.29 -21.46
C4 DTT L . 32.96 -31.08 -22.04
S4 DTT L . 33.66 -30.30 -20.56
C13 NUN M . -0.95 -14.78 7.48
C15 NUN M . -1.39 -14.80 10.14
C17 NUN M . -1.85 -14.75 12.57
C20 NUN M . -2.18 -13.65 9.98
C21 NUN M . -2.39 -13.03 8.67
C01 NUN M . -5.41 -6.61 11.48
C02 NUN M . -4.95 -8.09 11.59
C03 NUN M . -3.81 -8.19 12.61
C04 NUN M . -6.14 -8.97 12.05
C05 NUN M . -4.44 -8.62 10.24
C07 NUN M . -5.29 -9.40 9.22
C09 NUN M . -3.42 -11.25 7.48
C11 NUN M . -2.11 -12.80 6.26
C12 NUN M . -1.83 -13.52 7.47
C14 NUN M . -0.71 -15.46 8.90
C16 NUN M . -1.23 -15.35 11.44
C18 NUN M . -2.63 -13.59 12.41
C19 NUN M . -2.79 -13.03 11.12
N10 NUN M . -2.91 -11.68 6.29
N22 NUN M . -3.18 -11.89 8.66
O06 NUN M . -3.24 -8.39 9.95
S08 NUN M . -4.49 -9.74 7.53
S1 DTT N . 2.10 -2.38 8.49
C1 DTT N . 0.44 -1.76 8.11
C2 DTT N . 0.41 -0.40 7.41
O2 DTT N . 1.11 0.56 8.18
C3 DTT N . -1.03 0.09 7.18
O3 DTT N . -1.72 0.11 8.41
C4 DTT N . -1.07 1.49 6.56
S4 DTT N . -2.74 2.21 6.47
C13 NUN O . 3.17 -12.24 13.07
C15 NUN O . 3.03 -14.74 12.05
C17 NUN O . 3.09 -17.05 11.16
C20 NUN O . 4.18 -14.45 11.31
C21 NUN O . 4.81 -13.14 11.31
C01 NUN O . 9.14 -14.45 5.16
C02 NUN O . 8.13 -14.87 6.25
C03 NUN O . 6.85 -15.40 5.57
C04 NUN O . 8.74 -16.00 7.10
C05 NUN O . 7.75 -13.70 7.17
C07 NUN O . 8.51 -13.29 8.44
C09 NUN O . 6.54 -11.78 10.41
C11 NUN O . 5.08 -10.83 12.03
C12 NUN O . 4.36 -12.08 12.12
C14 NUN O . 2.39 -13.63 12.93
C16 NUN O . 2.47 -16.05 11.98
C18 NUN O . 4.24 -16.75 10.42
C19 NUN O . 4.79 -15.45 10.48
N10 NUN O . 6.16 -10.73 11.17
N22 NUN O . 5.88 -12.99 10.46
O06 NUN O . 6.73 -13.02 6.87
S08 NUN O . 7.98 -11.65 9.25
C13 NUN P . -25.55 35.71 34.83
C15 NUN P . -22.97 35.33 35.54
C17 NUN P . -20.54 35.08 35.95
C20 NUN P . -22.88 34.41 34.49
C21 NUN P . -24.04 34.00 33.69
C01 NUN P . -20.91 27.52 30.29
C02 NUN P . -20.76 28.88 31.03
C03 NUN P . -20.07 28.65 32.40
C04 NUN P . -19.92 29.83 30.18
C05 NUN P . -22.14 29.51 31.28
C07 NUN P . -22.64 30.81 30.62
C09 NUN P . -24.87 32.56 31.99
C11 NUN P . -26.37 34.11 32.96
C12 NUN P . -25.31 34.59 33.81
C14 NUN P . -24.36 35.96 35.87
C16 NUN P . -21.80 35.68 36.27
C18 NUN P . -20.45 34.15 34.90
C19 NUN P . -21.62 33.80 34.17
N10 NUN P . -26.11 33.09 32.06
N22 NUN P . -23.82 32.99 32.77
O06 NUN P . -22.90 28.93 32.08
S08 NUN P . -24.51 31.21 30.79
S1 DTT Q . -28.28 20.26 29.87
C1 DTT Q . -28.14 20.07 31.66
C2 DTT Q . -28.16 21.42 32.36
O2 DTT Q . -27.30 22.30 31.69
C3 DTT Q . -27.75 21.29 33.83
O3 DTT Q . -26.52 20.61 33.95
C4 DTT Q . -27.58 22.66 34.49
S4 DTT Q . -26.35 22.49 35.80
#